data_9CD7
#
_entry.id   9CD7
#
_cell.length_a   180.686
_cell.length_b   55.588
_cell.length_c   138.668
_cell.angle_alpha   90.000
_cell.angle_beta   127.452
_cell.angle_gamma   90.000
#
_symmetry.space_group_name_H-M   'C 1 2 1'
#
loop_
_entity.id
_entity.type
_entity.pdbx_description
1 polymer 'Fibroblast growth factor receptor 3'
2 non-polymer (3P)-5-[(1R)-1-(3,5-dichloropyridin-4-yl)ethoxy]-3-{6-[6-(methanesulfonyl)-2,6-diazaspiro[3.3]heptan-2-yl]pyridin-3-yl}-1H-indazole
3 non-polymer GLYCEROL
4 non-polymer 'SULFATE ION'
5 water water
#
_entity_poly.entity_id   1
_entity_poly.type   'polypeptide(L)'
_entity_poly.pdbx_seq_one_letter_code
;GPTLANVSELELPADPKWELSRARLTLGKPLGEGAFGQVVMAEAIGIDKDRAAKPVTVAVKMLKDDATDKDLSDLVSEME
MMKMIGKHKNIINLLGACTQGGPLYVLVEYAAKGNLREFLRARRPPGLDYSFDTSKPPEEQLTFKDLVSCAYQVARGMEY
LASQKCIHRDLAARNVLVTEDNVMKIADFGLARDVHNLDYYKETTNGRLPVKWMAPEALFDRVYTHQSDVWSFGVLLWEI
FTLGGSPYPGIPVEELFKLLKEGHRMDKPANCTHDLYMIMRECWHAAPSQRPTFKQLVEDLDRVLTVTSTDE
;
_entity_poly.pdbx_strand_id   A,B,C
#
# COMPACT_ATOMS: atom_id res chain seq x y z
N LEU A 4 -20.42 13.22 -25.36
CA LEU A 4 -19.88 14.45 -25.99
C LEU A 4 -21.05 15.39 -26.32
N ALA A 5 -20.96 16.63 -25.82
CA ALA A 5 -22.11 17.52 -25.77
C ALA A 5 -22.25 18.32 -27.06
N ASN A 6 -23.45 18.87 -27.28
CA ASN A 6 -23.75 19.71 -28.43
C ASN A 6 -22.94 21.00 -28.34
N VAL A 7 -22.40 21.40 -29.50
CA VAL A 7 -21.28 22.32 -29.57
C VAL A 7 -21.71 23.74 -29.18
N SER A 8 -22.97 24.11 -29.49
CA SER A 8 -23.46 25.43 -29.13
C SER A 8 -24.96 25.38 -28.81
N GLU A 9 -25.28 25.30 -27.51
CA GLU A 9 -26.64 25.47 -27.01
C GLU A 9 -26.80 26.90 -26.51
N LEU A 10 -28.05 27.30 -26.27
CA LEU A 10 -28.37 28.59 -25.69
C LEU A 10 -27.91 28.59 -24.24
N GLU A 11 -27.53 29.77 -23.73
CA GLU A 11 -27.33 29.90 -22.29
C GLU A 11 -28.62 29.43 -21.63
N LEU A 12 -28.54 29.10 -20.34
CA LEU A 12 -29.67 28.54 -19.63
C LEU A 12 -30.69 29.64 -19.34
N PRO A 13 -32.01 29.37 -19.55
CA PRO A 13 -33.05 30.33 -19.21
C PRO A 13 -33.18 30.44 -17.69
N ALA A 14 -33.55 31.63 -17.23
CA ALA A 14 -33.84 31.86 -15.82
C ALA A 14 -35.28 31.44 -15.52
N ASP A 15 -35.45 30.81 -14.36
CA ASP A 15 -36.75 30.60 -13.74
C ASP A 15 -36.87 31.57 -12.58
N PRO A 16 -37.48 32.77 -12.78
CA PRO A 16 -37.42 33.85 -11.80
C PRO A 16 -37.74 33.46 -10.35
N LYS A 17 -38.78 32.63 -10.16
CA LYS A 17 -39.27 32.31 -8.83
C LYS A 17 -38.24 31.52 -8.02
N TRP A 18 -37.28 30.87 -8.69
CA TRP A 18 -36.25 30.10 -8.00
C TRP A 18 -34.90 30.80 -8.03
N GLU A 19 -34.77 31.89 -8.78
CA GLU A 19 -33.47 32.48 -9.03
C GLU A 19 -33.00 33.17 -7.75
N LEU A 20 -31.73 32.92 -7.38
CA LEU A 20 -31.12 33.59 -6.25
C LEU A 20 -30.03 34.52 -6.76
N SER A 21 -30.04 35.74 -6.25
CA SER A 21 -28.99 36.71 -6.53
C SER A 21 -27.65 36.13 -6.10
N ARG A 22 -26.62 36.26 -6.95
CA ARG A 22 -25.29 35.75 -6.65
C ARG A 22 -24.65 36.48 -5.46
N ALA A 23 -25.11 37.71 -5.19
CA ALA A 23 -24.63 38.48 -4.06
C ALA A 23 -24.98 37.79 -2.74
N ARG A 24 -26.01 36.95 -2.76
CA ARG A 24 -26.50 36.30 -1.55
C ARG A 24 -25.72 35.03 -1.25
N LEU A 25 -25.04 34.47 -2.25
CA LEU A 25 -24.41 33.17 -2.11
C LEU A 25 -22.91 33.35 -1.84
N THR A 26 -22.38 32.60 -0.86
CA THR A 26 -20.94 32.51 -0.64
C THR A 26 -20.55 31.04 -0.53
N LEU A 27 -19.73 30.55 -1.47
CA LEU A 27 -19.35 29.16 -1.52
C LEU A 27 -18.34 28.84 -0.43
N GLY A 28 -18.37 27.60 0.06
CA GLY A 28 -17.47 27.14 1.11
C GLY A 28 -16.90 25.75 0.82
N LYS A 29 -16.68 24.99 1.90
CA LYS A 29 -15.88 23.77 1.86
C LYS A 29 -16.60 22.70 1.07
N PRO A 30 -15.89 21.95 0.19
CA PRO A 30 -16.47 20.77 -0.46
C PRO A 30 -17.01 19.78 0.55
N LEU A 31 -18.11 19.12 0.20
CA LEU A 31 -18.74 18.13 1.08
C LEU A 31 -18.55 16.74 0.49
N GLY A 32 -18.76 16.59 -0.82
CA GLY A 32 -18.52 15.31 -1.47
C GLY A 32 -19.05 15.30 -2.89
N GLU A 33 -19.02 14.10 -3.49
CA GLU A 33 -19.49 13.91 -4.86
C GLU A 33 -20.55 12.81 -4.86
N GLY A 34 -21.66 13.08 -5.57
CA GLY A 34 -22.71 12.08 -5.77
C GLY A 34 -22.60 11.52 -7.18
N ALA A 35 -23.75 11.15 -7.75
CA ALA A 35 -23.82 10.59 -9.10
C ALA A 35 -23.38 11.63 -10.13
N PHE A 36 -23.95 12.84 -10.04
CA PHE A 36 -23.73 13.90 -11.01
C PHE A 36 -23.25 15.14 -10.28
N GLY A 37 -22.06 15.64 -10.67
CA GLY A 37 -21.48 16.84 -10.09
C GLY A 37 -21.02 16.61 -8.65
N GLN A 38 -20.64 17.70 -8.00
CA GLN A 38 -20.21 17.68 -6.60
C GLN A 38 -21.13 18.58 -5.78
N VAL A 39 -21.00 18.45 -4.46
CA VAL A 39 -21.74 19.27 -3.51
C VAL A 39 -20.75 20.01 -2.63
N VAL A 40 -21.03 21.30 -2.40
CA VAL A 40 -20.20 22.10 -1.52
C VAL A 40 -21.10 22.79 -0.51
N MET A 41 -20.52 23.09 0.66
CA MET A 41 -21.19 23.88 1.68
C MET A 41 -21.22 25.33 1.22
N ALA A 42 -22.28 26.07 1.59
CA ALA A 42 -22.37 27.47 1.23
C ALA A 42 -23.33 28.21 2.18
N GLU A 43 -23.28 29.54 2.11
CA GLU A 43 -24.18 30.40 2.87
C GLU A 43 -24.99 31.24 1.89
N ALA A 44 -26.31 31.23 2.09
CA ALA A 44 -27.24 32.01 1.29
C ALA A 44 -28.03 32.94 2.21
N ILE A 45 -27.84 34.26 2.03
CA ILE A 45 -28.55 35.27 2.78
C ILE A 45 -29.98 35.41 2.23
N GLY A 46 -30.96 35.29 3.13
CA GLY A 46 -32.35 35.59 2.80
C GLY A 46 -33.20 34.35 2.52
N ILE A 47 -32.61 33.16 2.62
CA ILE A 47 -33.34 31.92 2.39
C ILE A 47 -34.45 31.78 3.44
N ASP A 48 -34.12 32.11 4.69
CA ASP A 48 -35.09 32.09 5.79
C ASP A 48 -35.95 33.35 5.69
N LYS A 49 -37.22 33.14 5.33
CA LYS A 49 -38.15 34.22 5.04
C LYS A 49 -38.39 35.05 6.31
N ASP A 50 -38.32 34.38 7.47
CA ASP A 50 -38.62 35.00 8.75
C ASP A 50 -37.42 35.76 9.27
N ARG A 51 -36.21 35.39 8.83
CA ARG A 51 -35.00 36.08 9.23
C ARG A 51 -34.22 36.47 7.96
N ALA A 52 -34.60 37.62 7.41
CA ALA A 52 -34.28 37.97 6.02
C ALA A 52 -32.82 38.34 5.84
N ALA A 53 -32.14 38.73 6.93
CA ALA A 53 -30.76 39.17 6.86
C ALA A 53 -29.80 38.03 7.25
N LYS A 54 -30.33 36.91 7.73
CA LYS A 54 -29.51 35.83 8.26
C LYS A 54 -28.93 35.00 7.11
N PRO A 55 -27.59 34.77 7.07
CA PRO A 55 -27.00 33.80 6.17
C PRO A 55 -27.34 32.39 6.65
N VAL A 56 -28.09 31.64 5.83
CA VAL A 56 -28.43 30.27 6.12
C VAL A 56 -27.40 29.37 5.44
N THR A 57 -26.95 28.33 6.15
CA THR A 57 -26.08 27.34 5.54
C THR A 57 -26.92 26.44 4.64
N VAL A 58 -26.42 26.26 3.41
CA VAL A 58 -27.09 25.43 2.41
C VAL A 58 -26.05 24.51 1.78
N ALA A 59 -26.52 23.58 0.94
CA ALA A 59 -25.66 22.78 0.10
C ALA A 59 -25.86 23.19 -1.35
N VAL A 60 -24.75 23.36 -2.08
CA VAL A 60 -24.77 23.76 -3.47
C VAL A 60 -24.29 22.61 -4.35
N LYS A 61 -25.12 22.21 -5.32
CA LYS A 61 -24.73 21.26 -6.34
C LYS A 61 -24.19 22.02 -7.52
N MET A 62 -23.02 21.61 -8.00
CA MET A 62 -22.34 22.28 -9.08
C MET A 62 -21.55 21.24 -9.88
N LEU A 63 -20.91 21.68 -10.97
CA LEU A 63 -20.12 20.76 -11.78
C LEU A 63 -18.83 20.39 -11.04
N LYS A 64 -18.33 19.19 -11.34
CA LYS A 64 -17.04 18.72 -10.86
C LYS A 64 -15.96 19.60 -11.48
N ASP A 65 -14.73 19.50 -10.96
CA ASP A 65 -13.65 20.35 -11.41
C ASP A 65 -13.27 19.97 -12.84
N ASP A 66 -13.42 18.69 -13.21
CA ASP A 66 -12.97 18.18 -14.50
C ASP A 66 -14.14 18.01 -15.48
N ALA A 67 -15.25 18.70 -15.27
CA ALA A 67 -16.48 18.45 -16.01
C ALA A 67 -16.47 19.19 -17.35
N THR A 68 -17.02 18.56 -18.39
CA THR A 68 -17.51 19.27 -19.56
C THR A 68 -18.95 19.72 -19.30
N ASP A 69 -19.59 20.27 -20.33
CA ASP A 69 -20.97 20.67 -20.28
C ASP A 69 -21.90 19.51 -20.59
N LYS A 70 -21.38 18.30 -20.79
CA LYS A 70 -22.23 17.11 -20.79
C LYS A 70 -22.90 16.95 -19.43
N ASP A 71 -22.11 17.20 -18.38
CA ASP A 71 -22.52 17.09 -16.99
C ASP A 71 -23.53 18.17 -16.60
N LEU A 72 -23.58 19.23 -17.40
CA LEU A 72 -24.46 20.35 -17.13
C LEU A 72 -25.91 19.91 -17.30
N SER A 73 -26.22 19.19 -18.38
CA SER A 73 -27.58 18.75 -18.65
C SER A 73 -28.11 17.86 -17.53
N ASP A 74 -27.21 17.11 -16.88
CA ASP A 74 -27.59 16.22 -15.79
C ASP A 74 -27.99 17.04 -14.56
N LEU A 75 -27.15 18.01 -14.22
CA LEU A 75 -27.38 18.88 -13.09
C LEU A 75 -28.70 19.65 -13.27
N VAL A 76 -28.95 20.10 -14.51
CA VAL A 76 -30.17 20.82 -14.84
C VAL A 76 -31.37 19.89 -14.70
N SER A 77 -31.30 18.71 -15.31
CA SER A 77 -32.37 17.72 -15.23
C SER A 77 -32.76 17.48 -13.79
N GLU A 78 -31.75 17.34 -12.92
CA GLU A 78 -31.96 17.06 -11.51
C GLU A 78 -32.80 18.17 -10.90
N MET A 79 -32.30 19.40 -11.04
CA MET A 79 -33.00 20.59 -10.56
C MET A 79 -34.46 20.55 -11.02
N GLU A 80 -34.66 20.30 -12.32
CA GLU A 80 -35.99 20.36 -12.90
C GLU A 80 -36.88 19.26 -12.33
N MET A 81 -36.30 18.07 -12.08
CA MET A 81 -37.03 16.99 -11.43
C MET A 81 -37.48 17.44 -10.03
N MET A 82 -36.57 18.07 -9.28
CA MET A 82 -36.87 18.46 -7.91
C MET A 82 -38.05 19.44 -7.90
N LYS A 83 -38.11 20.31 -8.93
CA LYS A 83 -39.19 21.27 -9.06
C LYS A 83 -40.52 20.55 -9.34
N MET A 84 -40.47 19.53 -10.21
CA MET A 84 -41.66 18.77 -10.59
C MET A 84 -42.17 17.96 -9.39
N ILE A 85 -41.24 17.41 -8.61
CA ILE A 85 -41.59 16.52 -7.51
C ILE A 85 -42.19 17.32 -6.35
N GLY A 86 -41.65 18.50 -6.10
CA GLY A 86 -42.21 19.40 -5.09
C GLY A 86 -41.66 19.09 -3.70
N LYS A 87 -42.17 19.81 -2.71
CA LYS A 87 -41.58 19.86 -1.38
C LYS A 87 -42.17 18.77 -0.49
N HIS A 88 -41.32 18.23 0.39
CA HIS A 88 -41.75 17.33 1.45
C HIS A 88 -40.72 17.34 2.58
N LYS A 89 -41.19 17.13 3.81
CA LYS A 89 -40.35 17.26 4.99
C LYS A 89 -39.15 16.32 4.92
N ASN A 90 -39.36 15.10 4.43
CA ASN A 90 -38.37 14.03 4.54
C ASN A 90 -37.64 13.81 3.22
N ILE A 91 -37.45 14.87 2.44
CA ILE A 91 -36.55 14.84 1.30
C ILE A 91 -35.64 16.07 1.35
N ILE A 92 -34.52 16.00 0.63
CA ILE A 92 -33.65 17.16 0.44
C ILE A 92 -34.29 18.05 -0.63
N ASN A 93 -34.81 19.20 -0.21
CA ASN A 93 -35.58 20.08 -1.06
C ASN A 93 -34.69 21.10 -1.77
N LEU A 94 -35.14 21.52 -2.96
CA LEU A 94 -34.53 22.60 -3.71
C LEU A 94 -34.85 23.91 -2.99
N LEU A 95 -33.84 24.75 -2.79
CA LEU A 95 -34.03 26.02 -2.10
C LEU A 95 -33.90 27.19 -3.06
N GLY A 96 -33.23 26.98 -4.19
CA GLY A 96 -33.00 28.05 -5.15
C GLY A 96 -31.91 27.67 -6.15
N ALA A 97 -31.53 28.63 -7.01
CA ALA A 97 -30.49 28.40 -8.00
C ALA A 97 -29.88 29.72 -8.46
N CYS A 98 -28.60 29.66 -8.86
CA CYS A 98 -27.96 30.73 -9.63
C CYS A 98 -27.69 30.22 -11.04
N THR A 99 -28.48 30.69 -12.03
CA THR A 99 -28.43 30.19 -13.39
C THR A 99 -27.93 31.25 -14.37
N GLN A 100 -27.84 32.52 -13.93
CA GLN A 100 -27.54 33.61 -14.83
C GLN A 100 -26.22 34.27 -14.44
N GLY A 101 -25.41 34.58 -15.46
CA GLY A 101 -24.19 35.35 -15.28
C GLY A 101 -23.17 34.61 -14.43
N GLY A 102 -22.98 33.32 -14.71
CA GLY A 102 -21.97 32.53 -14.04
C GLY A 102 -22.36 31.06 -13.93
N PRO A 103 -21.52 30.25 -13.26
CA PRO A 103 -21.75 28.80 -13.16
C PRO A 103 -23.12 28.47 -12.58
N LEU A 104 -23.70 27.36 -13.05
CA LEU A 104 -24.92 26.82 -12.47
C LEU A 104 -24.62 26.41 -11.03
N TYR A 105 -25.41 26.95 -10.10
CA TYR A 105 -25.40 26.55 -8.70
C TYR A 105 -26.82 26.17 -8.29
N VAL A 106 -27.00 24.95 -7.81
CA VAL A 106 -28.30 24.48 -7.36
C VAL A 106 -28.25 24.35 -5.85
N LEU A 107 -29.07 25.15 -5.16
CA LEU A 107 -29.11 25.16 -3.71
C LEU A 107 -30.14 24.15 -3.23
N VAL A 108 -29.74 23.29 -2.30
CA VAL A 108 -30.63 22.34 -1.65
C VAL A 108 -30.35 22.36 -0.15
N GLU A 109 -31.26 21.75 0.61
CA GLU A 109 -31.24 21.80 2.07
C GLU A 109 -29.95 21.18 2.59
N TYR A 110 -29.44 21.75 3.69
CA TYR A 110 -28.20 21.31 4.32
C TYR A 110 -28.53 20.39 5.49
N ALA A 111 -27.82 19.27 5.60
CA ALA A 111 -28.05 18.30 6.65
C ALA A 111 -26.81 18.21 7.53
N ALA A 112 -26.86 18.86 8.71
CA ALA A 112 -25.68 19.15 9.50
C ALA A 112 -25.02 17.89 10.04
N LYS A 113 -25.79 16.81 10.23
CA LYS A 113 -25.29 15.63 10.92
C LYS A 113 -24.86 14.53 9.95
N GLY A 114 -24.81 14.87 8.65
CA GLY A 114 -24.34 13.94 7.63
C GLY A 114 -25.42 12.91 7.27
N ASN A 115 -24.98 11.78 6.72
CA ASN A 115 -25.91 10.74 6.28
C ASN A 115 -26.24 9.80 7.44
N LEU A 116 -27.32 9.04 7.28
CA LEU A 116 -27.88 8.22 8.34
C LEU A 116 -26.87 7.16 8.79
N ARG A 117 -26.13 6.58 7.84
CA ARG A 117 -25.12 5.58 8.15
C ARG A 117 -24.15 6.16 9.19
N GLU A 118 -23.51 7.27 8.83
CA GLU A 118 -22.47 7.85 9.68
C GLU A 118 -23.09 8.46 10.94
N PHE A 119 -24.36 8.89 10.87
CA PHE A 119 -25.06 9.39 12.03
C PHE A 119 -25.19 8.29 13.08
N LEU A 120 -25.60 7.09 12.65
CA LEU A 120 -25.80 5.98 13.56
C LEU A 120 -24.46 5.44 14.06
N ARG A 121 -23.53 5.22 13.13
CA ARG A 121 -22.23 4.67 13.46
C ARG A 121 -21.55 5.50 14.53
N ALA A 122 -21.64 6.83 14.39
CA ALA A 122 -20.99 7.77 15.31
C ALA A 122 -21.63 7.72 16.69
N ARG A 123 -22.91 7.34 16.78
CA ARG A 123 -23.61 7.35 18.04
C ARG A 123 -23.83 5.93 18.57
N ARG A 124 -22.98 4.98 18.19
CA ARG A 124 -23.02 3.64 18.74
C ARG A 124 -22.50 3.69 20.17
N PRO A 125 -22.76 2.67 21.02
CA PRO A 125 -22.21 2.61 22.38
C PRO A 125 -20.70 2.67 22.59
N PRO A 126 -19.82 2.09 21.73
CA PRO A 126 -18.37 2.21 21.89
C PRO A 126 -17.85 3.61 21.52
N GLY A 127 -16.53 3.79 21.63
CA GLY A 127 -15.89 5.07 21.35
C GLY A 127 -15.67 5.90 22.63
N LEU A 128 -14.81 6.92 22.51
CA LEU A 128 -14.46 7.79 23.61
C LEU A 128 -13.71 9.01 23.03
N GLN A 141 -27.57 9.44 23.90
CA GLN A 141 -27.75 7.97 23.87
C GLN A 141 -28.85 7.61 22.87
N LEU A 142 -28.55 6.69 21.95
CA LEU A 142 -29.47 6.31 20.90
C LEU A 142 -30.42 5.25 21.41
N THR A 143 -31.74 5.46 21.24
CA THR A 143 -32.73 4.55 21.79
C THR A 143 -33.35 3.76 20.64
N PHE A 144 -34.13 2.74 21.02
CA PHE A 144 -34.85 1.92 20.05
C PHE A 144 -35.88 2.76 19.31
N LYS A 145 -36.61 3.61 20.04
CA LYS A 145 -37.62 4.47 19.45
C LYS A 145 -36.99 5.35 18.36
N ASP A 146 -35.78 5.85 18.61
CA ASP A 146 -35.07 6.69 17.67
C ASP A 146 -34.89 5.95 16.35
N LEU A 147 -34.50 4.68 16.44
CA LEU A 147 -34.26 3.86 15.27
C LEU A 147 -35.55 3.70 14.48
N VAL A 148 -36.66 3.46 15.18
CA VAL A 148 -37.95 3.28 14.53
C VAL A 148 -38.37 4.60 13.88
N SER A 149 -38.15 5.70 14.61
CA SER A 149 -38.42 7.04 14.13
C SER A 149 -37.71 7.28 12.81
N CYS A 150 -36.41 6.93 12.75
CA CYS A 150 -35.63 7.07 11.52
C CYS A 150 -36.30 6.33 10.37
N ALA A 151 -36.68 5.07 10.62
CA ALA A 151 -37.24 4.22 9.58
C ALA A 151 -38.56 4.80 9.09
N TYR A 152 -39.40 5.21 10.05
CA TYR A 152 -40.69 5.80 9.75
C TYR A 152 -40.51 7.02 8.85
N GLN A 153 -39.55 7.89 9.20
CA GLN A 153 -39.35 9.12 8.48
C GLN A 153 -38.89 8.84 7.05
N VAL A 154 -38.00 7.86 6.88
CA VAL A 154 -37.52 7.50 5.56
C VAL A 154 -38.67 6.93 4.74
N ALA A 155 -39.58 6.19 5.38
CA ALA A 155 -40.72 5.60 4.70
C ALA A 155 -41.67 6.68 4.19
N ARG A 156 -41.89 7.72 5.01
CA ARG A 156 -42.72 8.85 4.64
C ARG A 156 -42.16 9.54 3.41
N GLY A 157 -40.83 9.76 3.42
CA GLY A 157 -40.16 10.37 2.29
C GLY A 157 -40.37 9.58 1.00
N MET A 158 -40.25 8.25 1.08
CA MET A 158 -40.38 7.38 -0.07
C MET A 158 -41.85 7.28 -0.51
N GLU A 159 -42.78 7.27 0.45
CA GLU A 159 -44.19 7.32 0.14
C GLU A 159 -44.46 8.53 -0.75
N TYR A 160 -43.92 9.69 -0.35
CA TYR A 160 -44.15 10.94 -1.07
C TYR A 160 -43.55 10.83 -2.47
N LEU A 161 -42.29 10.41 -2.56
CA LEU A 161 -41.60 10.32 -3.84
C LEU A 161 -42.34 9.36 -4.78
N ALA A 162 -42.76 8.20 -4.25
CA ALA A 162 -43.51 7.22 -5.03
C ALA A 162 -44.83 7.83 -5.52
N SER A 163 -45.45 8.68 -4.69
CA SER A 163 -46.69 9.34 -5.06
C SER A 163 -46.47 10.37 -6.18
N GLN A 164 -45.21 10.82 -6.36
CA GLN A 164 -44.87 11.75 -7.43
C GLN A 164 -44.18 11.02 -8.59
N LYS A 165 -44.39 9.70 -8.70
CA LYS A 165 -43.91 8.89 -9.80
C LYS A 165 -42.38 8.90 -9.87
N CYS A 166 -41.74 8.96 -8.69
CA CYS A 166 -40.29 9.00 -8.57
C CYS A 166 -39.77 7.67 -8.04
N ILE A 167 -38.77 7.12 -8.76
CA ILE A 167 -38.06 5.93 -8.34
C ILE A 167 -36.61 6.33 -8.05
N HIS A 168 -36.13 5.97 -6.85
CA HIS A 168 -34.84 6.44 -6.37
C HIS A 168 -33.71 5.70 -7.06
N ARG A 169 -33.78 4.35 -7.05
CA ARG A 169 -32.86 3.46 -7.75
C ARG A 169 -31.61 3.15 -6.92
N ASP A 170 -31.34 3.94 -5.86
CA ASP A 170 -30.19 3.71 -5.01
C ASP A 170 -30.51 4.12 -3.56
N LEU A 171 -31.67 3.69 -3.06
CA LEU A 171 -32.06 3.98 -1.69
C LEU A 171 -31.12 3.23 -0.74
N ALA A 172 -30.50 3.98 0.18
CA ALA A 172 -29.61 3.42 1.18
C ALA A 172 -29.39 4.46 2.29
N ALA A 173 -28.85 4.00 3.43
CA ALA A 173 -28.63 4.89 4.57
C ALA A 173 -27.65 6.01 4.20
N ARG A 174 -26.73 5.72 3.28
CA ARG A 174 -25.74 6.70 2.83
C ARG A 174 -26.44 7.82 2.05
N ASN A 175 -27.64 7.55 1.52
CA ASN A 175 -28.38 8.51 0.72
C ASN A 175 -29.57 9.07 1.49
N VAL A 176 -29.60 8.86 2.81
CA VAL A 176 -30.51 9.57 3.69
C VAL A 176 -29.67 10.51 4.55
N LEU A 177 -30.08 11.78 4.63
CA LEU A 177 -29.34 12.78 5.38
C LEU A 177 -30.10 13.18 6.65
N VAL A 178 -29.34 13.60 7.66
CA VAL A 178 -29.88 13.97 8.97
C VAL A 178 -29.58 15.44 9.24
N THR A 179 -30.63 16.22 9.55
CA THR A 179 -30.50 17.64 9.79
C THR A 179 -30.14 17.89 11.25
N GLU A 180 -29.88 19.16 11.58
CA GLU A 180 -29.56 19.56 12.94
C GLU A 180 -30.70 19.18 13.89
N ASP A 181 -31.94 19.14 13.38
CA ASP A 181 -33.12 18.80 14.18
C ASP A 181 -33.49 17.32 14.04
N ASN A 182 -32.53 16.49 13.58
CA ASN A 182 -32.69 15.05 13.51
C ASN A 182 -33.81 14.65 12.54
N VAL A 183 -33.98 15.42 11.47
CA VAL A 183 -34.97 15.08 10.47
C VAL A 183 -34.28 14.26 9.38
N MET A 184 -34.89 13.11 9.04
CA MET A 184 -34.42 12.27 7.95
C MET A 184 -34.82 12.91 6.64
N LYS A 185 -33.88 13.02 5.70
CA LYS A 185 -34.15 13.61 4.40
C LYS A 185 -33.48 12.78 3.30
N ILE A 186 -34.29 12.22 2.40
CA ILE A 186 -33.79 11.41 1.30
C ILE A 186 -33.08 12.35 0.31
N ALA A 187 -31.91 11.91 -0.16
CA ALA A 187 -31.10 12.70 -1.07
C ALA A 187 -31.00 12.02 -2.43
N ASP A 188 -30.62 12.80 -3.46
CA ASP A 188 -30.33 12.29 -4.79
C ASP A 188 -31.47 11.41 -5.29
N PHE A 189 -32.71 11.92 -5.20
CA PHE A 189 -33.87 11.24 -5.75
C PHE A 189 -34.11 11.69 -7.19
N GLY A 190 -33.57 12.85 -7.57
CA GLY A 190 -33.49 13.24 -8.97
C GLY A 190 -32.27 12.61 -9.62
N LEU A 191 -32.39 12.17 -10.88
CA LEU A 191 -31.28 11.57 -11.61
C LEU A 191 -31.29 12.08 -13.06
N LEU A 209 -20.52 -0.54 -2.25
CA LEU A 209 -21.01 -1.61 -3.17
C LEU A 209 -22.53 -1.51 -3.30
N PRO A 210 -23.08 -0.67 -4.22
CA PRO A 210 -24.53 -0.48 -4.32
C PRO A 210 -25.34 -1.70 -4.75
N VAL A 211 -24.64 -2.80 -5.06
CA VAL A 211 -25.27 -4.03 -5.50
C VAL A 211 -26.02 -4.67 -4.34
N LYS A 212 -25.60 -4.36 -3.10
CA LYS A 212 -26.15 -5.00 -1.91
C LYS A 212 -27.52 -4.40 -1.56
N TRP A 213 -27.92 -3.30 -2.23
CA TRP A 213 -29.22 -2.71 -2.03
C TRP A 213 -30.18 -3.06 -3.17
N MET A 214 -29.64 -3.62 -4.27
CA MET A 214 -30.44 -3.84 -5.46
C MET A 214 -31.34 -5.05 -5.27
N ALA A 215 -32.60 -4.90 -5.70
CA ALA A 215 -33.52 -6.02 -5.81
C ALA A 215 -33.03 -6.98 -6.88
N PRO A 216 -33.34 -8.29 -6.79
CA PRO A 216 -32.94 -9.24 -7.82
C PRO A 216 -33.31 -8.81 -9.23
N GLU A 217 -34.56 -8.38 -9.41
CA GLU A 217 -35.07 -8.01 -10.73
C GLU A 217 -34.29 -6.82 -11.29
N ALA A 218 -33.84 -5.91 -10.41
CA ALA A 218 -33.04 -4.77 -10.81
C ALA A 218 -31.62 -5.23 -11.13
N LEU A 219 -31.09 -6.11 -10.29
CA LEU A 219 -29.73 -6.59 -10.42
C LEU A 219 -29.60 -7.46 -11.66
N PHE A 220 -30.48 -8.46 -11.80
CA PHE A 220 -30.36 -9.46 -12.85
C PHE A 220 -30.99 -8.95 -14.16
N ASP A 221 -32.13 -8.27 -14.07
CA ASP A 221 -32.96 -7.99 -15.24
C ASP A 221 -33.04 -6.49 -15.53
N ARG A 222 -32.30 -5.66 -14.79
CA ARG A 222 -32.24 -4.22 -15.03
C ARG A 222 -33.59 -3.53 -14.82
N VAL A 223 -34.51 -4.19 -14.12
CA VAL A 223 -35.86 -3.67 -13.94
C VAL A 223 -35.91 -2.82 -12.68
N TYR A 224 -36.40 -1.58 -12.79
CA TYR A 224 -36.54 -0.70 -11.65
C TYR A 224 -38.00 -0.25 -11.52
N THR A 225 -38.56 -0.46 -10.32
CA THR A 225 -39.91 -0.03 -9.98
C THR A 225 -39.90 0.54 -8.58
N HIS A 226 -41.06 1.02 -8.11
CA HIS A 226 -41.20 1.38 -6.71
C HIS A 226 -40.94 0.16 -5.83
N GLN A 227 -41.30 -1.03 -6.34
CA GLN A 227 -41.20 -2.26 -5.57
C GLN A 227 -39.73 -2.67 -5.41
N SER A 228 -38.87 -2.25 -6.34
CA SER A 228 -37.45 -2.48 -6.21
C SER A 228 -36.86 -1.54 -5.15
N ASP A 229 -37.44 -0.35 -5.01
CA ASP A 229 -37.04 0.58 -3.96
C ASP A 229 -37.42 0.01 -2.59
N VAL A 230 -38.53 -0.73 -2.52
CA VAL A 230 -38.97 -1.31 -1.27
C VAL A 230 -37.95 -2.34 -0.78
N TRP A 231 -37.41 -3.15 -1.70
CA TRP A 231 -36.34 -4.07 -1.37
C TRP A 231 -35.18 -3.30 -0.74
N SER A 232 -34.75 -2.26 -1.44
CA SER A 232 -33.69 -1.39 -0.96
C SER A 232 -34.05 -0.86 0.43
N PHE A 233 -35.31 -0.48 0.63
CA PHE A 233 -35.76 0.00 1.92
C PHE A 233 -35.58 -1.07 2.99
N GLY A 234 -35.87 -2.32 2.64
CA GLY A 234 -35.68 -3.44 3.55
C GLY A 234 -34.23 -3.52 4.03
N VAL A 235 -33.28 -3.35 3.10
CA VAL A 235 -31.86 -3.37 3.41
C VAL A 235 -31.54 -2.16 4.28
N LEU A 236 -32.23 -1.04 4.02
CA LEU A 236 -32.03 0.18 4.78
C LEU A 236 -32.45 -0.03 6.24
N LEU A 237 -33.60 -0.71 6.44
CA LEU A 237 -34.03 -1.07 7.79
C LEU A 237 -32.92 -1.81 8.53
N TRP A 238 -32.31 -2.77 7.82
CA TRP A 238 -31.26 -3.59 8.39
C TRP A 238 -30.09 -2.70 8.81
N GLU A 239 -29.74 -1.73 7.95
CA GLU A 239 -28.72 -0.74 8.27
C GLU A 239 -29.09 -0.01 9.56
N ILE A 240 -30.36 0.42 9.65
CA ILE A 240 -30.78 1.22 10.79
C ILE A 240 -30.60 0.41 12.07
N PHE A 241 -31.00 -0.87 12.04
CA PHE A 241 -31.10 -1.65 13.27
C PHE A 241 -29.76 -2.32 13.61
N THR A 242 -28.76 -2.22 12.71
CA THR A 242 -27.39 -2.57 13.04
C THR A 242 -26.59 -1.31 13.36
N LEU A 243 -27.29 -0.18 13.46
CA LEU A 243 -26.68 1.10 13.80
C LEU A 243 -25.66 1.47 12.73
N GLY A 244 -26.09 1.38 11.47
CA GLY A 244 -25.24 1.72 10.33
C GLY A 244 -24.25 0.61 9.98
N GLY A 245 -24.71 -0.64 10.10
CA GLY A 245 -23.91 -1.79 9.69
C GLY A 245 -23.96 -1.96 8.17
N SER A 246 -22.87 -2.46 7.59
CA SER A 246 -22.85 -2.78 6.18
C SER A 246 -23.55 -4.11 5.97
N PRO A 247 -24.42 -4.24 4.94
CA PRO A 247 -25.19 -5.46 4.74
C PRO A 247 -24.36 -6.59 4.14
N TYR A 248 -24.85 -7.82 4.31
CA TYR A 248 -24.16 -9.03 3.88
C TYR A 248 -22.68 -8.91 4.25
N PRO A 249 -22.34 -8.71 5.55
CA PRO A 249 -20.94 -8.53 5.95
C PRO A 249 -20.11 -9.77 5.65
N GLY A 250 -18.99 -9.58 4.97
CA GLY A 250 -18.03 -10.64 4.70
C GLY A 250 -18.46 -11.54 3.56
N ILE A 251 -19.49 -11.13 2.80
CA ILE A 251 -19.99 -11.89 1.67
C ILE A 251 -19.63 -11.14 0.39
N PRO A 252 -18.79 -11.73 -0.50
CA PRO A 252 -18.42 -11.08 -1.76
C PRO A 252 -19.57 -11.17 -2.76
N VAL A 253 -19.59 -10.25 -3.72
CA VAL A 253 -20.77 -10.03 -4.54
C VAL A 253 -21.12 -11.31 -5.31
N GLU A 254 -20.09 -12.07 -5.74
CA GLU A 254 -20.30 -13.28 -6.53
C GLU A 254 -21.12 -14.30 -5.72
N GLU A 255 -20.81 -14.41 -4.42
CA GLU A 255 -21.57 -15.25 -3.51
C GLU A 255 -22.99 -14.70 -3.37
N LEU A 256 -23.11 -13.37 -3.29
CA LEU A 256 -24.38 -12.71 -3.07
C LEU A 256 -25.38 -13.09 -4.16
N PHE A 257 -24.94 -13.00 -5.42
CA PHE A 257 -25.74 -13.40 -6.56
C PHE A 257 -26.32 -14.79 -6.32
N LYS A 258 -25.46 -15.73 -5.91
CA LYS A 258 -25.86 -17.12 -5.76
C LYS A 258 -26.86 -17.26 -4.62
N LEU A 259 -26.61 -16.59 -3.49
CA LEU A 259 -27.39 -16.85 -2.29
C LEU A 259 -28.73 -16.13 -2.34
N LEU A 260 -28.83 -15.06 -3.16
CA LEU A 260 -30.10 -14.41 -3.39
C LEU A 260 -31.01 -15.31 -4.23
N LYS A 261 -30.42 -15.93 -5.26
CA LYS A 261 -31.13 -16.87 -6.11
C LYS A 261 -31.59 -18.09 -5.30
N GLU A 262 -30.76 -18.52 -4.33
CA GLU A 262 -31.08 -19.65 -3.48
C GLU A 262 -32.14 -19.27 -2.45
N GLY A 263 -32.45 -17.97 -2.36
CA GLY A 263 -33.55 -17.48 -1.54
C GLY A 263 -33.14 -17.15 -0.11
N HIS A 264 -31.82 -17.01 0.13
CA HIS A 264 -31.30 -16.65 1.44
C HIS A 264 -31.41 -15.14 1.65
N ARG A 265 -31.55 -14.74 2.92
CA ARG A 265 -31.68 -13.36 3.33
C ARG A 265 -30.85 -13.13 4.59
N MET A 266 -30.62 -11.86 4.92
CA MET A 266 -29.92 -11.50 6.15
C MET A 266 -30.77 -11.91 7.37
N ASP A 267 -30.08 -12.24 8.46
CA ASP A 267 -30.72 -12.64 9.71
C ASP A 267 -31.15 -11.38 10.46
N LYS A 268 -32.02 -11.55 11.45
CA LYS A 268 -32.49 -10.45 12.28
C LYS A 268 -31.29 -9.78 12.97
N PRO A 269 -31.17 -8.43 12.91
CA PRO A 269 -30.21 -7.72 13.75
C PRO A 269 -30.50 -7.86 15.25
N ALA A 270 -29.47 -7.59 16.06
CA ALA A 270 -29.58 -7.70 17.51
C ALA A 270 -30.71 -6.81 18.02
N ASN A 271 -30.75 -5.55 17.55
CA ASN A 271 -31.64 -4.53 18.09
C ASN A 271 -33.00 -4.55 17.42
N CYS A 272 -33.36 -5.65 16.76
CA CYS A 272 -34.57 -5.72 15.96
C CYS A 272 -35.57 -6.65 16.65
N THR A 273 -36.85 -6.25 16.64
CA THR A 273 -37.91 -7.08 17.19
C THR A 273 -38.40 -8.02 16.09
N HIS A 274 -39.24 -8.98 16.47
CA HIS A 274 -39.78 -9.95 15.52
C HIS A 274 -40.63 -9.21 14.47
N ASP A 275 -41.48 -8.30 14.93
CA ASP A 275 -42.41 -7.58 14.06
C ASP A 275 -41.64 -6.81 12.99
N LEU A 276 -40.57 -6.09 13.41
CA LEU A 276 -39.77 -5.31 12.50
C LEU A 276 -39.03 -6.21 11.53
N TYR A 277 -38.62 -7.40 11.99
CA TYR A 277 -37.92 -8.34 11.14
C TYR A 277 -38.86 -8.84 10.05
N MET A 278 -40.13 -9.05 10.40
CA MET A 278 -41.12 -9.52 9.43
C MET A 278 -41.34 -8.48 8.34
N ILE A 279 -41.20 -7.19 8.69
CA ILE A 279 -41.33 -6.11 7.73
C ILE A 279 -40.14 -6.15 6.76
N MET A 280 -38.92 -6.39 7.27
CA MET A 280 -37.77 -6.55 6.40
C MET A 280 -38.01 -7.69 5.42
N ARG A 281 -38.49 -8.81 5.94
CA ARG A 281 -38.63 -10.02 5.14
C ARG A 281 -39.68 -9.84 4.06
N GLU A 282 -40.74 -9.09 4.38
CA GLU A 282 -41.78 -8.75 3.41
C GLU A 282 -41.21 -7.87 2.31
N CYS A 283 -40.24 -7.01 2.65
CA CYS A 283 -39.57 -6.17 1.68
C CYS A 283 -38.71 -7.03 0.74
N TRP A 284 -38.30 -8.21 1.21
CA TRP A 284 -37.38 -9.05 0.45
C TRP A 284 -38.08 -10.28 -0.13
N HIS A 285 -39.40 -10.22 -0.33
CA HIS A 285 -40.08 -11.23 -1.15
C HIS A 285 -39.48 -11.16 -2.56
N ALA A 286 -39.23 -12.33 -3.15
CA ALA A 286 -38.66 -12.40 -4.49
C ALA A 286 -39.62 -11.77 -5.50
N ALA A 287 -40.92 -12.04 -5.30
CA ALA A 287 -41.99 -11.52 -6.14
C ALA A 287 -42.30 -10.07 -5.74
N PRO A 288 -41.99 -9.07 -6.61
CA PRO A 288 -42.17 -7.65 -6.25
C PRO A 288 -43.53 -7.23 -5.71
N SER A 289 -44.61 -7.81 -6.27
CA SER A 289 -45.96 -7.43 -5.93
C SER A 289 -46.33 -7.87 -4.51
N GLN A 290 -45.58 -8.84 -3.98
CA GLN A 290 -45.81 -9.33 -2.63
C GLN A 290 -45.09 -8.46 -1.61
N ARG A 291 -44.11 -7.67 -2.07
CA ARG A 291 -43.52 -6.67 -1.20
C ARG A 291 -44.58 -5.63 -0.89
N PRO A 292 -44.56 -5.01 0.32
CA PRO A 292 -45.53 -3.97 0.66
C PRO A 292 -45.20 -2.69 -0.11
N THR A 293 -46.20 -1.82 -0.24
CA THR A 293 -45.97 -0.47 -0.77
C THR A 293 -45.41 0.38 0.36
N PHE A 294 -44.84 1.53 -0.01
CA PHE A 294 -44.32 2.47 0.99
C PHE A 294 -45.47 2.97 1.86
N LYS A 295 -46.66 3.14 1.27
CA LYS A 295 -47.87 3.48 2.02
C LYS A 295 -48.03 2.50 3.18
N GLN A 296 -47.96 1.20 2.85
CA GLN A 296 -48.15 0.14 3.83
C GLN A 296 -47.03 0.18 4.88
N LEU A 297 -45.81 0.45 4.41
CA LEU A 297 -44.65 0.52 5.31
C LEU A 297 -44.84 1.66 6.31
N VAL A 298 -45.26 2.83 5.82
CA VAL A 298 -45.50 3.98 6.68
C VAL A 298 -46.48 3.58 7.79
N GLU A 299 -47.58 2.92 7.42
CA GLU A 299 -48.57 2.48 8.38
C GLU A 299 -47.95 1.49 9.37
N ASP A 300 -47.17 0.54 8.85
CA ASP A 300 -46.55 -0.49 9.66
C ASP A 300 -45.63 0.15 10.71
N LEU A 301 -44.74 1.04 10.24
CA LEU A 301 -43.78 1.70 11.10
C LEU A 301 -44.51 2.57 12.11
N ASP A 302 -45.62 3.20 11.70
CA ASP A 302 -46.40 4.05 12.59
C ASP A 302 -46.87 3.27 13.80
N ARG A 303 -47.34 2.03 13.56
CA ARG A 303 -47.85 1.18 14.64
C ARG A 303 -46.73 0.87 15.61
N VAL A 304 -45.55 0.52 15.06
CA VAL A 304 -44.40 0.15 15.87
C VAL A 304 -43.92 1.37 16.65
N LEU A 305 -44.04 2.56 16.05
CA LEU A 305 -43.58 3.79 16.66
C LEU A 305 -44.49 4.19 17.82
N THR A 306 -45.78 3.90 17.67
CA THR A 306 -46.78 4.45 18.58
C THR A 306 -46.87 3.62 19.85
N VAL A 307 -46.72 2.30 19.75
CA VAL A 307 -46.80 1.42 20.91
C VAL A 307 -45.52 1.54 21.73
N THR A 308 -44.39 1.78 21.07
CA THR A 308 -43.16 2.14 21.76
C THR A 308 -43.33 3.53 22.34
N GLU B 11 13.74 -7.25 -19.54
CA GLU B 11 15.12 -6.73 -19.30
C GLU B 11 15.57 -7.12 -17.89
N LEU B 12 15.13 -8.29 -17.42
CA LEU B 12 15.24 -8.65 -16.01
C LEU B 12 16.25 -9.77 -15.83
N PRO B 13 17.09 -9.74 -14.77
CA PRO B 13 17.98 -10.87 -14.46
C PRO B 13 17.16 -12.05 -13.96
N ALA B 14 17.57 -13.27 -14.33
CA ALA B 14 17.00 -14.47 -13.76
C ALA B 14 17.72 -14.79 -12.45
N ASP B 15 16.93 -15.15 -11.43
CA ASP B 15 17.42 -15.73 -10.20
C ASP B 15 17.01 -17.20 -10.23
N PRO B 16 17.92 -18.11 -10.68
CA PRO B 16 17.52 -19.48 -11.00
C PRO B 16 16.71 -20.21 -9.93
N LYS B 17 17.12 -20.06 -8.65
CA LYS B 17 16.54 -20.83 -7.57
C LYS B 17 15.08 -20.45 -7.33
N TRP B 18 14.64 -19.28 -7.79
CA TRP B 18 13.26 -18.86 -7.63
C TRP B 18 12.47 -18.94 -8.93
N GLU B 19 13.15 -19.21 -10.06
CA GLU B 19 12.50 -19.11 -11.37
C GLU B 19 11.54 -20.27 -11.53
N LEU B 20 10.32 -19.97 -11.99
CA LEU B 20 9.32 -20.99 -12.29
C LEU B 20 9.09 -21.02 -13.79
N SER B 21 9.14 -22.22 -14.36
CA SER B 21 8.79 -22.43 -15.75
C SER B 21 7.36 -21.93 -16.00
N ARG B 22 7.16 -21.19 -17.10
CA ARG B 22 5.86 -20.63 -17.42
C ARG B 22 4.86 -21.72 -17.78
N ALA B 23 5.36 -22.90 -18.19
CA ALA B 23 4.51 -24.02 -18.51
C ALA B 23 3.77 -24.51 -17.26
N ARG B 24 4.32 -24.22 -16.09
CA ARG B 24 3.76 -24.69 -14.83
C ARG B 24 2.64 -23.78 -14.33
N LEU B 25 2.61 -22.53 -14.83
CA LEU B 25 1.69 -21.54 -14.31
C LEU B 25 0.48 -21.45 -15.23
N THR B 26 -0.72 -21.41 -14.63
CA THR B 26 -1.95 -21.09 -15.35
C THR B 26 -2.70 -20.00 -14.59
N LEU B 27 -2.83 -18.83 -15.22
CA LEU B 27 -3.45 -17.67 -14.58
C LEU B 27 -4.96 -17.86 -14.55
N GLY B 28 -5.61 -17.30 -13.53
CA GLY B 28 -7.04 -17.47 -13.31
C GLY B 28 -7.72 -16.17 -12.87
N LYS B 29 -8.73 -16.31 -12.00
CA LYS B 29 -9.65 -15.23 -11.66
C LYS B 29 -8.91 -14.12 -10.95
N PRO B 30 -9.15 -12.83 -11.31
CA PRO B 30 -8.60 -11.70 -10.55
C PRO B 30 -9.05 -11.76 -9.09
N LEU B 31 -8.17 -11.34 -8.18
CA LEU B 31 -8.46 -11.33 -6.75
C LEU B 31 -8.63 -9.89 -6.26
N GLY B 32 -7.73 -9.00 -6.69
CA GLY B 32 -7.89 -7.58 -6.41
C GLY B 32 -6.67 -6.79 -6.86
N GLU B 33 -6.63 -5.52 -6.44
CA GLU B 33 -5.46 -4.68 -6.63
C GLU B 33 -4.97 -4.19 -5.28
N GLY B 34 -3.64 -4.26 -5.07
CA GLY B 34 -3.01 -3.69 -3.90
C GLY B 34 -2.32 -2.38 -4.26
N ALA B 35 -1.18 -2.12 -3.61
CA ALA B 35 -0.44 -0.88 -3.81
C ALA B 35 0.11 -0.78 -5.22
N PHE B 36 0.78 -1.84 -5.68
CA PHE B 36 1.48 -1.84 -6.96
C PHE B 36 1.01 -3.04 -7.76
N GLY B 37 0.41 -2.79 -8.93
CA GLY B 37 -0.11 -3.84 -9.79
C GLY B 37 -1.32 -4.54 -9.17
N GLN B 38 -1.72 -5.67 -9.78
CA GLN B 38 -2.88 -6.44 -9.37
C GLN B 38 -2.47 -7.85 -8.98
N VAL B 39 -3.41 -8.58 -8.37
CA VAL B 39 -3.19 -9.95 -7.92
C VAL B 39 -4.26 -10.83 -8.56
N VAL B 40 -3.83 -11.99 -9.06
CA VAL B 40 -4.77 -12.93 -9.65
C VAL B 40 -4.54 -14.30 -9.04
N MET B 41 -5.60 -15.10 -9.02
CA MET B 41 -5.53 -16.50 -8.63
C MET B 41 -4.86 -17.28 -9.76
N ALA B 42 -4.11 -18.32 -9.40
CA ALA B 42 -3.41 -19.12 -10.40
C ALA B 42 -3.09 -20.50 -9.84
N GLU B 43 -2.72 -21.40 -10.76
CA GLU B 43 -2.28 -22.74 -10.41
C GLU B 43 -0.85 -22.93 -10.90
N ALA B 44 0.00 -23.43 -9.98
CA ALA B 44 1.39 -23.69 -10.28
C ALA B 44 1.70 -25.15 -9.97
N ILE B 45 2.02 -25.92 -11.02
CA ILE B 45 2.32 -27.33 -10.89
C ILE B 45 3.75 -27.48 -10.38
N GLY B 46 3.91 -28.26 -9.30
CA GLY B 46 5.22 -28.68 -8.82
C GLY B 46 5.74 -27.83 -7.66
N ILE B 47 4.94 -26.87 -7.19
CA ILE B 47 5.31 -26.04 -6.04
C ILE B 47 5.45 -26.94 -4.81
N ASP B 48 4.53 -27.90 -4.65
CA ASP B 48 4.61 -28.85 -3.56
C ASP B 48 5.63 -29.93 -3.91
N LYS B 49 6.77 -29.89 -3.22
CA LYS B 49 7.91 -30.75 -3.54
C LYS B 49 7.54 -32.21 -3.29
N ASP B 50 6.62 -32.46 -2.35
CA ASP B 50 6.24 -33.83 -1.97
C ASP B 50 5.19 -34.37 -2.94
N ARG B 51 4.45 -33.47 -3.61
CA ARG B 51 3.45 -33.87 -4.59
C ARG B 51 3.72 -33.14 -5.90
N ALA B 52 4.63 -33.69 -6.70
CA ALA B 52 5.32 -32.96 -7.74
C ALA B 52 4.41 -32.72 -8.95
N ALA B 53 3.35 -33.53 -9.08
CA ALA B 53 2.45 -33.42 -10.23
C ALA B 53 1.23 -32.56 -9.89
N LYS B 54 1.04 -32.21 -8.60
CA LYS B 54 -0.17 -31.55 -8.16
C LYS B 54 -0.11 -30.05 -8.49
N PRO B 55 -1.14 -29.49 -9.15
CA PRO B 55 -1.28 -28.04 -9.28
C PRO B 55 -1.68 -27.45 -7.93
N VAL B 56 -0.81 -26.58 -7.40
CA VAL B 56 -1.10 -25.85 -6.18
C VAL B 56 -1.71 -24.51 -6.55
N THR B 57 -2.76 -24.10 -5.83
CA THR B 57 -3.33 -22.77 -6.04
C THR B 57 -2.42 -21.75 -5.37
N VAL B 58 -2.10 -20.70 -6.13
CA VAL B 58 -1.22 -19.63 -5.65
C VAL B 58 -1.86 -18.28 -6.00
N ALA B 59 -1.23 -17.21 -5.51
CA ALA B 59 -1.57 -15.86 -5.92
C ALA B 59 -0.40 -15.28 -6.72
N VAL B 60 -0.72 -14.61 -7.83
CA VAL B 60 0.28 -14.03 -8.71
C VAL B 60 0.14 -12.51 -8.71
N LYS B 61 1.24 -11.82 -8.37
CA LYS B 61 1.30 -10.37 -8.49
C LYS B 61 1.86 -10.03 -9.86
N MET B 62 1.20 -9.11 -10.56
CA MET B 62 1.64 -8.72 -11.88
C MET B 62 1.30 -7.25 -12.12
N LEU B 63 1.84 -6.70 -13.22
CA LEU B 63 1.61 -5.31 -13.57
C LEU B 63 0.19 -5.15 -14.12
N LYS B 64 -0.38 -3.96 -13.89
CA LYS B 64 -1.65 -3.60 -14.50
C LYS B 64 -1.40 -3.36 -15.98
N ASP B 65 -2.50 -3.20 -16.73
CA ASP B 65 -2.42 -2.97 -18.16
C ASP B 65 -1.74 -1.63 -18.46
N ASP B 66 -1.92 -0.63 -17.57
CA ASP B 66 -1.50 0.74 -17.83
C ASP B 66 -0.21 1.08 -17.07
N ALA B 67 0.58 0.06 -16.70
CA ALA B 67 1.72 0.22 -15.81
C ALA B 67 2.94 0.76 -16.54
N THR B 68 3.67 1.67 -15.89
CA THR B 68 4.91 2.22 -16.40
C THR B 68 6.06 1.33 -15.93
N ASP B 69 7.30 1.75 -16.21
CA ASP B 69 8.48 1.04 -15.74
C ASP B 69 8.76 1.35 -14.27
N LYS B 70 8.16 2.42 -13.75
CA LYS B 70 8.20 2.71 -12.32
C LYS B 70 7.48 1.59 -11.58
N ASP B 71 6.36 1.13 -12.15
CA ASP B 71 5.55 0.09 -11.53
C ASP B 71 6.26 -1.26 -11.63
N LEU B 72 7.09 -1.43 -12.68
CA LEU B 72 7.87 -2.65 -12.82
C LEU B 72 8.91 -2.71 -11.71
N SER B 73 9.67 -1.61 -11.53
CA SER B 73 10.73 -1.57 -10.54
C SER B 73 10.16 -1.74 -9.13
N ASP B 74 8.90 -1.33 -8.93
CA ASP B 74 8.24 -1.48 -7.64
C ASP B 74 7.96 -2.95 -7.35
N LEU B 75 7.37 -3.63 -8.34
CA LEU B 75 7.04 -5.04 -8.21
C LEU B 75 8.31 -5.86 -7.97
N VAL B 76 9.39 -5.49 -8.66
CA VAL B 76 10.68 -6.15 -8.52
C VAL B 76 11.22 -5.90 -7.11
N SER B 77 11.27 -4.63 -6.68
CA SER B 77 11.75 -4.28 -5.36
C SER B 77 11.05 -5.11 -4.29
N GLU B 78 9.73 -5.27 -4.44
CA GLU B 78 8.91 -5.98 -3.48
C GLU B 78 9.41 -7.43 -3.40
N MET B 79 9.46 -8.09 -4.55
CA MET B 79 9.96 -9.45 -4.66
C MET B 79 11.31 -9.56 -3.95
N GLU B 80 12.21 -8.62 -4.25
CA GLU B 80 13.57 -8.67 -3.72
C GLU B 80 13.57 -8.48 -2.21
N MET B 81 12.68 -7.63 -1.70
CA MET B 81 12.53 -7.47 -0.27
C MET B 81 12.05 -8.78 0.35
N MET B 82 11.08 -9.44 -0.28
CA MET B 82 10.54 -10.68 0.26
C MET B 82 11.66 -11.72 0.38
N LYS B 83 12.59 -11.71 -0.58
CA LYS B 83 13.72 -12.63 -0.57
C LYS B 83 14.66 -12.30 0.59
N MET B 84 14.90 -11.01 0.83
CA MET B 84 15.78 -10.56 1.91
C MET B 84 15.16 -10.89 3.27
N ILE B 85 13.83 -10.74 3.38
CA ILE B 85 13.16 -10.90 4.65
C ILE B 85 13.07 -12.38 5.02
N GLY B 86 12.82 -13.24 4.01
CA GLY B 86 12.82 -14.68 4.23
C GLY B 86 11.45 -15.18 4.69
N LYS B 87 11.39 -16.49 4.98
CA LYS B 87 10.13 -17.20 5.18
C LYS B 87 9.72 -17.16 6.65
N HIS B 88 8.41 -17.11 6.88
CA HIS B 88 7.81 -17.30 8.20
C HIS B 88 6.36 -17.74 8.06
N LYS B 89 5.87 -18.51 9.03
CA LYS B 89 4.54 -19.11 8.97
C LYS B 89 3.46 -18.05 8.80
N ASN B 90 3.59 -16.92 9.51
CA ASN B 90 2.50 -15.94 9.61
C ASN B 90 2.74 -14.74 8.70
N ILE B 91 3.39 -14.95 7.55
CA ILE B 91 3.45 -13.94 6.50
C ILE B 91 3.10 -14.59 5.17
N ILE B 92 2.73 -13.78 4.18
CA ILE B 92 2.51 -14.24 2.82
C ILE B 92 3.88 -14.37 2.15
N ASN B 93 4.31 -15.62 1.93
CA ASN B 93 5.65 -15.91 1.47
C ASN B 93 5.73 -15.92 -0.06
N LEU B 94 6.92 -15.58 -0.56
CA LEU B 94 7.26 -15.71 -1.97
C LEU B 94 7.41 -17.20 -2.29
N LEU B 95 6.77 -17.65 -3.37
CA LEU B 95 6.83 -19.04 -3.75
C LEU B 95 7.65 -19.24 -5.03
N GLY B 96 7.82 -18.17 -5.81
CA GLY B 96 8.54 -18.25 -7.07
C GLY B 96 8.28 -17.03 -7.95
N ALA B 97 8.82 -17.05 -9.17
CA ALA B 97 8.63 -15.96 -10.11
C ALA B 97 8.85 -16.45 -11.54
N CYS B 98 8.18 -15.78 -12.49
CA CYS B 98 8.47 -15.88 -13.91
C CYS B 98 9.02 -14.54 -14.39
N THR B 99 10.34 -14.48 -14.65
CA THR B 99 11.04 -13.24 -14.97
C THR B 99 11.58 -13.25 -16.40
N GLN B 100 11.57 -14.41 -17.06
CA GLN B 100 12.21 -14.56 -18.36
C GLN B 100 11.17 -14.91 -19.41
N GLY B 101 11.29 -14.29 -20.59
CA GLY B 101 10.49 -14.61 -21.77
C GLY B 101 9.01 -14.33 -21.54
N GLY B 102 8.69 -13.17 -20.97
CA GLY B 102 7.31 -12.76 -20.80
C GLY B 102 7.12 -11.87 -19.58
N PRO B 103 5.85 -11.50 -19.28
CA PRO B 103 5.56 -10.60 -18.16
C PRO B 103 6.11 -11.10 -16.83
N LEU B 104 6.52 -10.16 -15.98
CA LEU B 104 6.89 -10.48 -14.61
C LEU B 104 5.68 -11.03 -13.89
N TYR B 105 5.83 -12.23 -13.31
CA TYR B 105 4.82 -12.83 -12.45
C TYR B 105 5.50 -13.21 -11.13
N VAL B 106 4.97 -12.68 -10.03
CA VAL B 106 5.50 -12.98 -8.71
C VAL B 106 4.47 -13.85 -7.98
N LEU B 107 4.88 -15.09 -7.66
CA LEU B 107 4.00 -16.04 -6.99
C LEU B 107 4.19 -15.90 -5.49
N VAL B 108 3.06 -15.76 -4.78
CA VAL B 108 3.05 -15.76 -3.33
C VAL B 108 1.92 -16.67 -2.85
N GLU B 109 1.93 -16.98 -1.55
CA GLU B 109 1.02 -17.93 -0.95
C GLU B 109 -0.43 -17.47 -1.11
N TYR B 110 -1.34 -18.43 -1.30
CA TYR B 110 -2.76 -18.17 -1.50
C TYR B 110 -3.48 -18.37 -0.18
N ALA B 111 -4.39 -17.43 0.13
CA ALA B 111 -5.15 -17.47 1.37
C ALA B 111 -6.63 -17.63 1.05
N ALA B 112 -7.15 -18.86 1.21
CA ALA B 112 -8.42 -19.26 0.64
C ALA B 112 -9.60 -18.50 1.26
N LYS B 113 -9.45 -18.05 2.51
CA LYS B 113 -10.57 -17.48 3.25
C LYS B 113 -10.57 -15.95 3.21
N GLY B 114 -9.70 -15.36 2.38
CA GLY B 114 -9.65 -13.92 2.21
C GLY B 114 -8.91 -13.24 3.35
N ASN B 115 -9.18 -11.94 3.55
CA ASN B 115 -8.51 -11.18 4.60
C ASN B 115 -9.27 -11.30 5.91
N LEU B 116 -8.60 -10.95 7.01
CA LEU B 116 -9.10 -11.18 8.36
C LEU B 116 -10.39 -10.40 8.59
N ARG B 117 -10.48 -9.18 8.04
CA ARG B 117 -11.68 -8.37 8.17
C ARG B 117 -12.87 -9.17 7.66
N GLU B 118 -12.83 -9.59 6.40
CA GLU B 118 -13.96 -10.26 5.77
C GLU B 118 -14.15 -11.66 6.37
N PHE B 119 -13.08 -12.27 6.86
CA PHE B 119 -13.16 -13.56 7.52
C PHE B 119 -14.02 -13.45 8.78
N LEU B 120 -13.77 -12.40 9.58
CA LEU B 120 -14.49 -12.21 10.83
C LEU B 120 -15.92 -11.74 10.56
N ARG B 121 -16.08 -10.76 9.67
CA ARG B 121 -17.40 -10.21 9.37
C ARG B 121 -18.34 -11.33 8.94
N ALA B 122 -17.83 -12.25 8.10
CA ALA B 122 -18.63 -13.34 7.58
C ALA B 122 -19.04 -14.32 8.67
N ARG B 123 -18.25 -14.42 9.75
CA ARG B 123 -18.48 -15.40 10.80
C ARG B 123 -18.96 -14.72 12.07
N ARG B 124 -19.67 -13.59 11.93
CA ARG B 124 -20.30 -12.92 13.06
C ARG B 124 -21.44 -13.78 13.60
N PRO B 125 -21.88 -13.61 14.87
CA PRO B 125 -22.96 -14.43 15.43
C PRO B 125 -24.34 -14.21 14.81
N PRO B 126 -25.10 -15.29 14.48
CA PRO B 126 -26.46 -15.14 13.97
C PRO B 126 -27.45 -14.76 15.07
N GLN B 141 -18.49 -22.05 14.15
CA GLN B 141 -18.74 -20.96 15.15
C GLN B 141 -17.41 -20.42 15.66
N LEU B 142 -17.27 -19.10 15.60
CA LEU B 142 -16.08 -18.41 16.06
C LEU B 142 -16.16 -18.20 17.57
N THR B 143 -15.10 -18.60 18.30
CA THR B 143 -15.07 -18.45 19.74
C THR B 143 -14.14 -17.29 20.10
N PHE B 144 -14.16 -16.92 21.38
CA PHE B 144 -13.30 -15.87 21.90
C PHE B 144 -11.84 -16.27 21.77
N LYS B 145 -11.51 -17.54 22.10
CA LYS B 145 -10.14 -18.03 22.03
C LYS B 145 -9.61 -17.87 20.60
N ASP B 146 -10.48 -18.11 19.61
CA ASP B 146 -10.13 -17.99 18.21
C ASP B 146 -9.66 -16.57 17.92
N LEU B 147 -10.38 -15.59 18.46
CA LEU B 147 -10.03 -14.19 18.28
C LEU B 147 -8.65 -13.91 18.87
N VAL B 148 -8.37 -14.45 20.06
CA VAL B 148 -7.08 -14.25 20.70
C VAL B 148 -5.99 -14.93 19.86
N SER B 149 -6.29 -16.15 19.40
CA SER B 149 -5.40 -16.89 18.52
C SER B 149 -5.03 -16.06 17.29
N CYS B 150 -6.02 -15.43 16.65
CA CYS B 150 -5.78 -14.57 15.50
C CYS B 150 -4.77 -13.47 15.85
N ALA B 151 -5.00 -12.80 16.98
CA ALA B 151 -4.16 -11.68 17.38
C ALA B 151 -2.74 -12.18 17.64
N TYR B 152 -2.63 -13.30 18.36
CA TYR B 152 -1.35 -13.92 18.66
C TYR B 152 -0.58 -14.20 17.38
N GLN B 153 -1.26 -14.78 16.38
CA GLN B 153 -0.63 -15.16 15.13
C GLN B 153 -0.12 -13.94 14.38
N VAL B 154 -0.91 -12.86 14.35
CA VAL B 154 -0.52 -11.64 13.69
C VAL B 154 0.69 -11.04 14.41
N ALA B 155 0.75 -11.17 15.74
CA ALA B 155 1.85 -10.63 16.52
C ALA B 155 3.15 -11.38 16.20
N ARG B 156 3.05 -12.71 16.05
CA ARG B 156 4.20 -13.53 15.70
C ARG B 156 4.76 -13.10 14.34
N GLY B 157 3.87 -12.88 13.38
CA GLY B 157 4.25 -12.41 12.06
C GLY B 157 5.02 -11.10 12.13
N MET B 158 4.52 -10.16 12.94
CA MET B 158 5.13 -8.84 13.05
C MET B 158 6.44 -8.91 13.86
N GLU B 159 6.49 -9.79 14.87
CA GLU B 159 7.73 -10.03 15.58
C GLU B 159 8.82 -10.40 14.58
N TYR B 160 8.49 -11.35 13.68
CA TYR B 160 9.45 -11.84 12.70
C TYR B 160 9.86 -10.68 11.79
N LEU B 161 8.88 -9.97 11.22
CA LEU B 161 9.17 -8.90 10.28
C LEU B 161 10.04 -7.83 10.93
N ALA B 162 9.72 -7.46 12.18
CA ALA B 162 10.49 -6.47 12.91
C ALA B 162 11.93 -6.96 13.11
N SER B 163 12.09 -8.27 13.34
CA SER B 163 13.41 -8.86 13.51
C SER B 163 14.20 -8.84 12.21
N GLN B 164 13.53 -8.70 11.07
CA GLN B 164 14.19 -8.61 9.78
C GLN B 164 14.23 -7.16 9.26
N LYS B 165 14.11 -6.19 10.17
CA LYS B 165 14.25 -4.78 9.85
C LYS B 165 13.17 -4.34 8.86
N CYS B 166 11.97 -4.93 9.00
CA CYS B 166 10.83 -4.62 8.14
C CYS B 166 9.79 -3.82 8.93
N ILE B 167 9.39 -2.68 8.35
CA ILE B 167 8.28 -1.89 8.84
C ILE B 167 7.17 -1.94 7.80
N HIS B 168 5.97 -2.33 8.22
CA HIS B 168 4.87 -2.59 7.32
C HIS B 168 4.27 -1.29 6.78
N ARG B 169 3.95 -0.37 7.70
CA ARG B 169 3.47 0.99 7.40
C ARG B 169 1.96 1.02 7.17
N ASP B 170 1.32 -0.14 6.95
CA ASP B 170 -0.12 -0.21 6.75
C ASP B 170 -0.67 -1.52 7.31
N LEU B 171 -0.27 -1.86 8.54
CA LEU B 171 -0.78 -3.05 9.20
C LEU B 171 -2.26 -2.84 9.52
N ALA B 172 -3.10 -3.78 9.07
CA ALA B 172 -4.54 -3.73 9.28
C ALA B 172 -5.14 -5.10 8.99
N ALA B 173 -6.38 -5.32 9.42
CA ALA B 173 -7.05 -6.60 9.22
C ALA B 173 -7.22 -6.91 7.74
N ARG B 174 -7.37 -5.85 6.92
CA ARG B 174 -7.52 -6.02 5.48
C ARG B 174 -6.22 -6.54 4.87
N ASN B 175 -5.09 -6.35 5.56
CA ASN B 175 -3.77 -6.76 5.07
C ASN B 175 -3.26 -7.98 5.85
N VAL B 176 -4.15 -8.66 6.59
CA VAL B 176 -3.87 -9.97 7.12
C VAL B 176 -4.76 -10.96 6.37
N LEU B 177 -4.18 -12.06 5.87
CA LEU B 177 -4.91 -13.04 5.10
C LEU B 177 -5.05 -14.34 5.89
N VAL B 178 -6.13 -15.08 5.60
CA VAL B 178 -6.47 -16.30 6.30
C VAL B 178 -6.45 -17.47 5.31
N THR B 179 -5.67 -18.51 5.62
CA THR B 179 -5.52 -19.66 4.74
C THR B 179 -6.63 -20.67 4.99
N GLU B 180 -6.65 -21.73 4.17
CA GLU B 180 -7.57 -22.84 4.29
C GLU B 180 -7.50 -23.44 5.69
N ASP B 181 -6.30 -23.43 6.30
CA ASP B 181 -6.07 -24.01 7.62
C ASP B 181 -6.14 -22.94 8.72
N ASN B 182 -6.76 -21.80 8.43
CA ASN B 182 -7.00 -20.75 9.41
C ASN B 182 -5.68 -20.18 9.96
N VAL B 183 -4.67 -20.09 9.10
CA VAL B 183 -3.41 -19.48 9.49
C VAL B 183 -3.45 -18.01 9.09
N MET B 184 -3.12 -17.14 10.05
CA MET B 184 -3.02 -15.71 9.80
C MET B 184 -1.72 -15.44 9.07
N LYS B 185 -1.78 -14.66 7.97
CA LYS B 185 -0.60 -14.33 7.18
C LYS B 185 -0.61 -12.86 6.80
N ILE B 186 0.41 -12.12 7.26
CA ILE B 186 0.55 -10.71 6.95
C ILE B 186 0.90 -10.56 5.49
N ALA B 187 0.25 -9.62 4.81
CA ALA B 187 0.42 -9.41 3.38
C ALA B 187 1.06 -8.05 3.11
N ASP B 188 1.66 -7.90 1.92
CA ASP B 188 2.15 -6.63 1.42
C ASP B 188 3.04 -5.94 2.46
N PHE B 189 4.03 -6.69 2.96
CA PHE B 189 5.04 -6.15 3.87
C PHE B 189 6.25 -5.67 3.06
N GLY B 190 6.36 -6.15 1.83
CA GLY B 190 7.62 -6.11 1.09
C GLY B 190 7.95 -4.73 0.53
N LEU B 191 6.94 -4.03 0.01
CA LEU B 191 7.15 -2.67 -0.42
C LEU B 191 5.96 -1.84 0.06
N ALA B 192 6.26 -0.90 0.95
CA ALA B 192 5.25 -0.06 1.58
C ALA B 192 4.87 1.10 0.64
N ARG B 193 3.67 1.65 0.88
CA ARG B 193 3.05 2.55 -0.08
C ARG B 193 3.63 3.95 0.06
N ASP B 194 3.23 4.82 -0.89
CA ASP B 194 3.51 6.24 -0.84
C ASP B 194 3.02 6.83 0.48
N VAL B 195 3.63 7.94 0.89
CA VAL B 195 3.29 8.63 2.12
C VAL B 195 2.85 10.06 1.76
N HIS B 196 1.78 10.53 2.41
CA HIS B 196 1.19 11.83 2.14
C HIS B 196 1.05 12.61 3.44
N ASN B 197 0.60 13.87 3.33
CA ASN B 197 0.48 14.78 4.46
C ASN B 197 -0.98 14.86 4.92
N LEU B 198 -1.23 15.69 5.95
CA LEU B 198 -2.56 15.88 6.53
C LEU B 198 -3.53 16.38 5.46
N ASP B 199 -3.09 17.37 4.69
CA ASP B 199 -3.92 18.04 3.69
C ASP B 199 -4.54 17.01 2.75
N TYR B 200 -3.77 15.95 2.42
CA TYR B 200 -4.17 14.95 1.45
C TYR B 200 -5.46 14.25 1.87
N TYR B 201 -5.55 13.82 3.13
CA TYR B 201 -6.60 12.91 3.57
C TYR B 201 -7.92 13.66 3.75
N LYS B 202 -7.87 14.99 3.88
CA LYS B 202 -9.07 15.81 3.94
C LYS B 202 -9.81 15.75 2.59
N LEU B 209 -9.30 4.26 3.81
CA LEU B 209 -9.21 5.12 5.03
C LEU B 209 -8.02 4.72 5.90
N PRO B 210 -6.81 4.53 5.33
CA PRO B 210 -5.65 4.05 6.09
C PRO B 210 -5.15 4.98 7.20
N VAL B 211 -5.76 6.16 7.32
CA VAL B 211 -5.42 7.16 8.31
C VAL B 211 -5.75 6.63 9.71
N LYS B 212 -6.75 5.76 9.79
CA LYS B 212 -7.29 5.30 11.06
C LYS B 212 -6.38 4.26 11.69
N TRP B 213 -5.36 3.79 10.96
CA TRP B 213 -4.39 2.85 11.50
C TRP B 213 -3.07 3.54 11.83
N MET B 214 -2.90 4.79 11.38
CA MET B 214 -1.63 5.47 11.50
C MET B 214 -1.44 5.95 12.93
N ALA B 215 -0.22 5.76 13.44
CA ALA B 215 0.20 6.36 14.69
C ALA B 215 0.27 7.87 14.52
N PRO B 216 0.09 8.65 15.60
CA PRO B 216 0.18 10.11 15.50
C PRO B 216 1.47 10.58 14.85
N GLU B 217 2.61 10.02 15.30
CA GLU B 217 3.91 10.44 14.82
C GLU B 217 4.04 10.17 13.32
N ALA B 218 3.40 9.09 12.84
CA ALA B 218 3.40 8.76 11.41
C ALA B 218 2.45 9.70 10.66
N LEU B 219 1.29 9.95 11.27
CA LEU B 219 0.26 10.78 10.65
C LEU B 219 0.74 12.23 10.59
N PHE B 220 1.17 12.78 11.72
CA PHE B 220 1.49 14.20 11.82
C PHE B 220 2.91 14.48 11.34
N ASP B 221 3.86 13.60 11.68
CA ASP B 221 5.27 13.91 11.52
C ASP B 221 5.94 12.99 10.49
N ARG B 222 5.17 12.15 9.80
CA ARG B 222 5.66 11.28 8.74
C ARG B 222 6.68 10.26 9.24
N VAL B 223 6.73 10.03 10.56
CA VAL B 223 7.74 9.16 11.17
C VAL B 223 7.20 7.74 11.23
N TYR B 224 7.98 6.79 10.69
CA TYR B 224 7.59 5.39 10.72
C TYR B 224 8.67 4.56 11.42
N THR B 225 8.25 3.80 12.45
CA THR B 225 9.11 2.87 13.15
C THR B 225 8.35 1.56 13.37
N HIS B 226 9.00 0.59 14.01
CA HIS B 226 8.31 -0.62 14.43
C HIS B 226 7.22 -0.24 15.44
N GLN B 227 7.49 0.82 16.23
CA GLN B 227 6.58 1.24 17.29
C GLN B 227 5.32 1.86 16.69
N SER B 228 5.42 2.42 15.47
CA SER B 228 4.24 2.92 14.78
C SER B 228 3.41 1.77 14.25
N ASP B 229 4.05 0.64 13.92
CA ASP B 229 3.34 -0.57 13.55
C ASP B 229 2.57 -1.14 14.74
N VAL B 230 3.12 -0.97 15.95
CA VAL B 230 2.47 -1.47 17.14
C VAL B 230 1.15 -0.73 17.35
N TRP B 231 1.14 0.58 17.12
CA TRP B 231 -0.10 1.35 17.18
C TRP B 231 -1.12 0.73 16.23
N SER B 232 -0.70 0.54 14.97
CA SER B 232 -1.52 -0.08 13.95
C SER B 232 -2.02 -1.43 14.45
N PHE B 233 -1.14 -2.20 15.11
CA PHE B 233 -1.52 -3.50 15.65
C PHE B 233 -2.63 -3.32 16.69
N GLY B 234 -2.54 -2.27 17.51
CA GLY B 234 -3.57 -1.98 18.50
C GLY B 234 -4.94 -1.80 17.84
N VAL B 235 -4.95 -1.07 16.72
CA VAL B 235 -6.18 -0.84 15.96
C VAL B 235 -6.64 -2.17 15.37
N LEU B 236 -5.68 -3.02 15.00
CA LEU B 236 -5.98 -4.32 14.43
C LEU B 236 -6.68 -5.19 15.48
N LEU B 237 -6.18 -5.16 16.73
CA LEU B 237 -6.84 -5.85 17.84
C LEU B 237 -8.31 -5.43 17.92
N TRP B 238 -8.55 -4.12 17.82
CA TRP B 238 -9.89 -3.56 17.90
C TRP B 238 -10.76 -4.14 16.78
N GLU B 239 -10.19 -4.22 15.57
CA GLU B 239 -10.86 -4.86 14.45
C GLU B 239 -11.23 -6.31 14.80
N ILE B 240 -10.26 -7.04 15.38
CA ILE B 240 -10.47 -8.44 15.69
C ILE B 240 -11.65 -8.58 16.64
N PHE B 241 -11.69 -7.73 17.68
CA PHE B 241 -12.63 -7.93 18.77
C PHE B 241 -13.98 -7.29 18.49
N THR B 242 -14.08 -6.52 17.40
CA THR B 242 -15.37 -6.08 16.88
C THR B 242 -15.80 -6.99 15.74
N LEU B 243 -15.06 -8.08 15.52
CA LEU B 243 -15.36 -9.05 14.47
C LEU B 243 -15.33 -8.36 13.12
N GLY B 244 -14.25 -7.60 12.87
CA GLY B 244 -14.05 -6.90 11.61
C GLY B 244 -14.84 -5.61 11.53
N GLY B 245 -14.92 -4.88 12.66
CA GLY B 245 -15.52 -3.56 12.68
C GLY B 245 -14.54 -2.52 12.14
N SER B 246 -15.07 -1.47 11.51
CA SER B 246 -14.24 -0.36 11.06
C SER B 246 -13.97 0.56 12.25
N PRO B 247 -12.73 1.03 12.44
CA PRO B 247 -12.36 1.84 13.60
C PRO B 247 -12.86 3.28 13.51
N TYR B 248 -12.96 3.93 14.68
CA TYR B 248 -13.50 5.28 14.80
C TYR B 248 -14.75 5.40 13.93
N PRO B 249 -15.78 4.55 14.15
CA PRO B 249 -16.96 4.53 13.30
C PRO B 249 -17.70 5.87 13.37
N GLY B 250 -17.99 6.43 12.19
CA GLY B 250 -18.80 7.63 12.07
C GLY B 250 -18.04 8.90 12.41
N ILE B 251 -16.70 8.80 12.52
CA ILE B 251 -15.84 9.92 12.82
C ILE B 251 -15.05 10.28 11.56
N PRO B 252 -15.23 11.50 11.00
CA PRO B 252 -14.48 11.93 9.82
C PRO B 252 -13.06 12.29 10.20
N VAL B 253 -12.15 12.23 9.21
CA VAL B 253 -10.72 12.28 9.50
C VAL B 253 -10.36 13.59 10.20
N GLU B 254 -11.02 14.70 9.84
CA GLU B 254 -10.72 16.00 10.44
C GLU B 254 -10.98 15.97 11.94
N GLU B 255 -12.05 15.30 12.36
CA GLU B 255 -12.34 15.10 13.77
C GLU B 255 -11.28 14.21 14.40
N LEU B 256 -10.86 13.18 13.65
CA LEU B 256 -9.91 12.19 14.14
C LEU B 256 -8.61 12.88 14.57
N PHE B 257 -8.08 13.75 13.69
CA PHE B 257 -6.90 14.53 13.97
C PHE B 257 -7.06 15.22 15.33
N LYS B 258 -8.21 15.87 15.55
CA LYS B 258 -8.44 16.66 16.74
C LYS B 258 -8.47 15.74 17.97
N LEU B 259 -9.15 14.60 17.87
CA LEU B 259 -9.44 13.80 19.05
C LEU B 259 -8.22 12.95 19.42
N LEU B 260 -7.34 12.68 18.46
CA LEU B 260 -6.09 11.98 18.75
C LEU B 260 -5.18 12.92 19.55
N LYS B 261 -5.11 14.19 19.12
CA LYS B 261 -4.33 15.21 19.80
C LYS B 261 -4.86 15.43 21.21
N GLU B 262 -6.20 15.37 21.37
CA GLU B 262 -6.84 15.56 22.67
C GLU B 262 -6.63 14.33 23.55
N GLY B 263 -6.09 13.25 22.98
CA GLY B 263 -5.67 12.08 23.73
C GLY B 263 -6.78 11.04 23.86
N HIS B 264 -7.83 11.16 23.05
CA HIS B 264 -8.94 10.22 23.07
C HIS B 264 -8.57 8.97 22.28
N ARG B 265 -9.19 7.85 22.68
CA ARG B 265 -8.99 6.55 22.08
C ARG B 265 -10.35 5.86 21.97
N MET B 266 -10.40 4.78 21.17
CA MET B 266 -11.60 3.97 21.04
C MET B 266 -11.89 3.28 22.37
N ASP B 267 -13.19 3.04 22.64
CA ASP B 267 -13.62 2.37 23.85
C ASP B 267 -13.50 0.87 23.63
N LYS B 268 -13.57 0.10 24.73
CA LYS B 268 -13.47 -1.35 24.67
C LYS B 268 -14.58 -1.91 23.77
N PRO B 269 -14.27 -2.82 22.83
CA PRO B 269 -15.30 -3.56 22.11
C PRO B 269 -16.12 -4.47 23.04
N ALA B 270 -17.31 -4.87 22.57
CA ALA B 270 -18.20 -5.69 23.36
C ALA B 270 -17.53 -7.00 23.75
N ASN B 271 -16.88 -7.66 22.78
CA ASN B 271 -16.32 -8.99 22.95
C ASN B 271 -14.90 -8.96 23.50
N CYS B 272 -14.52 -7.85 24.15
CA CYS B 272 -13.15 -7.67 24.63
C CYS B 272 -13.16 -7.71 26.15
N THR B 273 -12.16 -8.36 26.75
CA THR B 273 -11.98 -8.38 28.20
C THR B 273 -11.16 -7.16 28.59
N HIS B 274 -11.08 -6.91 29.90
CA HIS B 274 -10.33 -5.77 30.41
C HIS B 274 -8.84 -5.92 30.06
N ASP B 275 -8.30 -7.14 30.24
CA ASP B 275 -6.89 -7.41 30.02
C ASP B 275 -6.52 -7.11 28.56
N LEU B 276 -7.35 -7.57 27.63
CA LEU B 276 -7.08 -7.37 26.22
C LEU B 276 -7.21 -5.89 25.86
N TYR B 277 -8.12 -5.19 26.53
CA TYR B 277 -8.31 -3.77 26.29
C TYR B 277 -7.06 -3.01 26.75
N MET B 278 -6.44 -3.45 27.84
CA MET B 278 -5.24 -2.83 28.36
C MET B 278 -4.08 -2.97 27.36
N ILE B 279 -4.07 -4.08 26.62
CA ILE B 279 -3.07 -4.32 25.60
C ILE B 279 -3.28 -3.34 24.44
N MET B 280 -4.54 -3.13 24.02
CA MET B 280 -4.82 -2.11 23.02
C MET B 280 -4.32 -0.75 23.47
N ARG B 281 -4.62 -0.40 24.72
CA ARG B 281 -4.34 0.93 25.24
C ARG B 281 -2.83 1.15 25.33
N GLU B 282 -2.09 0.09 25.67
CA GLU B 282 -0.63 0.14 25.71
C GLU B 282 -0.09 0.36 24.29
N CYS B 283 -0.76 -0.19 23.28
CA CYS B 283 -0.36 0.02 21.89
C CYS B 283 -0.60 1.47 21.48
N TRP B 284 -1.53 2.16 22.18
CA TRP B 284 -1.92 3.51 21.79
C TRP B 284 -1.38 4.56 22.75
N HIS B 285 -0.29 4.26 23.49
CA HIS B 285 0.44 5.29 24.20
C HIS B 285 0.95 6.28 23.16
N ALA B 286 0.85 7.58 23.46
CA ALA B 286 1.32 8.63 22.56
C ALA B 286 2.84 8.50 22.36
N ALA B 287 3.55 8.18 23.45
CA ALA B 287 4.99 8.00 23.45
C ALA B 287 5.34 6.63 22.90
N PRO B 288 5.96 6.52 21.70
CA PRO B 288 6.21 5.22 21.07
C PRO B 288 6.94 4.17 21.90
N SER B 289 7.92 4.61 22.70
CA SER B 289 8.76 3.69 23.46
C SER B 289 7.98 3.04 24.60
N GLN B 290 6.86 3.67 24.99
CA GLN B 290 6.01 3.14 26.04
C GLN B 290 5.06 2.09 25.48
N ARG B 291 4.87 2.08 24.16
CA ARG B 291 4.15 0.99 23.52
C ARG B 291 4.99 -0.27 23.70
N PRO B 292 4.38 -1.46 23.79
CA PRO B 292 5.14 -2.70 23.88
C PRO B 292 5.79 -3.01 22.52
N THR B 293 6.84 -3.83 22.53
CA THR B 293 7.41 -4.36 21.32
C THR B 293 6.54 -5.53 20.88
N PHE B 294 6.69 -5.95 19.62
CA PHE B 294 5.96 -7.11 19.13
C PHE B 294 6.36 -8.36 19.92
N LYS B 295 7.63 -8.45 20.32
CA LYS B 295 8.10 -9.52 21.18
C LYS B 295 7.21 -9.58 22.43
N GLN B 296 7.03 -8.42 23.07
CA GLN B 296 6.25 -8.32 24.29
C GLN B 296 4.79 -8.66 24.01
N LEU B 297 4.28 -8.23 22.85
CA LEU B 297 2.89 -8.50 22.48
C LEU B 297 2.68 -10.00 22.34
N VAL B 298 3.62 -10.68 21.66
CA VAL B 298 3.53 -12.13 21.49
C VAL B 298 3.41 -12.78 22.87
N GLU B 299 4.27 -12.38 23.81
CA GLU B 299 4.24 -12.90 25.16
C GLU B 299 2.91 -12.59 25.83
N ASP B 300 2.43 -11.34 25.67
CA ASP B 300 1.19 -10.88 26.29
C ASP B 300 0.03 -11.73 25.79
N LEU B 301 -0.07 -11.88 24.46
CA LEU B 301 -1.16 -12.64 23.84
C LEU B 301 -1.06 -14.10 24.26
N ASP B 302 0.16 -14.63 24.40
CA ASP B 302 0.36 -16.00 24.80
C ASP B 302 -0.26 -16.26 26.18
N ARG B 303 -0.08 -15.31 27.11
CA ARG B 303 -0.63 -15.43 28.46
C ARG B 303 -2.16 -15.43 28.39
N VAL B 304 -2.73 -14.55 27.57
CA VAL B 304 -4.17 -14.45 27.43
C VAL B 304 -4.71 -15.73 26.79
N LEU B 305 -3.92 -16.32 25.87
CA LEU B 305 -4.32 -17.51 25.15
C LEU B 305 -4.30 -18.73 26.08
N THR B 306 -3.38 -18.72 27.05
CA THR B 306 -3.15 -19.86 27.92
C THR B 306 -4.22 -19.95 29.01
N VAL B 307 -4.67 -18.80 29.54
CA VAL B 307 -5.64 -18.76 30.62
C VAL B 307 -7.03 -19.08 30.08
N THR B 308 -7.28 -18.71 28.82
CA THR B 308 -8.57 -18.96 28.17
C THR B 308 -8.76 -20.46 28.01
N GLU C 11 7.81 13.67 -0.07
CA GLU C 11 6.64 12.80 0.21
C GLU C 11 7.10 11.44 0.72
N LEU C 12 8.18 11.46 1.52
CA LEU C 12 8.90 10.26 1.92
C LEU C 12 8.68 10.00 3.41
N PRO C 13 8.64 8.72 3.86
CA PRO C 13 8.66 8.41 5.29
C PRO C 13 10.02 8.76 5.89
N ALA C 14 10.03 9.27 7.12
CA ALA C 14 11.26 9.44 7.88
C ALA C 14 11.57 8.13 8.59
N ASP C 15 12.85 7.75 8.55
CA ASP C 15 13.39 6.70 9.40
C ASP C 15 14.28 7.39 10.44
N PRO C 16 13.75 7.69 11.63
CA PRO C 16 14.45 8.57 12.59
C PRO C 16 15.91 8.24 12.84
N LYS C 17 16.24 6.94 12.99
CA LYS C 17 17.56 6.52 13.39
C LYS C 17 18.61 6.83 12.32
N TRP C 18 18.18 7.03 11.07
CA TRP C 18 19.09 7.37 9.98
C TRP C 18 19.01 8.84 9.59
N GLU C 19 18.04 9.58 10.11
CA GLU C 19 17.76 10.91 9.62
C GLU C 19 18.87 11.85 10.08
N LEU C 20 19.37 12.67 9.16
CA LEU C 20 20.38 13.68 9.48
C LEU C 20 19.76 15.07 9.29
N SER C 21 19.93 15.93 10.29
CA SER C 21 19.53 17.32 10.19
C SER C 21 20.23 17.97 9.00
N ARG C 22 19.47 18.73 8.21
CA ARG C 22 20.01 19.37 7.01
C ARG C 22 21.02 20.46 7.36
N ALA C 23 20.94 20.99 8.60
CA ALA C 23 21.89 22.00 9.06
C ALA C 23 23.30 21.42 9.14
N ARG C 24 23.39 20.09 9.27
CA ARG C 24 24.68 19.43 9.44
C ARG C 24 25.36 19.17 8.11
N LEU C 25 24.59 19.17 7.02
CA LEU C 25 25.13 18.80 5.72
C LEU C 25 25.48 20.05 4.92
N THR C 26 26.65 20.05 4.28
CA THR C 26 27.03 21.07 3.32
C THR C 26 27.54 20.39 2.05
N LEU C 27 26.80 20.58 0.94
CA LEU C 27 27.13 19.93 -0.33
C LEU C 27 28.35 20.61 -0.95
N GLY C 28 29.14 19.84 -1.68
CA GLY C 28 30.37 20.30 -2.30
C GLY C 28 30.52 19.80 -3.74
N LYS C 29 31.78 19.52 -4.12
CA LYS C 29 32.14 19.30 -5.52
C LYS C 29 31.52 18.00 -6.02
N PRO C 30 30.95 17.97 -7.24
CA PRO C 30 30.48 16.73 -7.85
C PRO C 30 31.61 15.70 -7.95
N LEU C 31 31.27 14.42 -7.78
CA LEU C 31 32.23 13.34 -7.86
C LEU C 31 31.99 12.50 -9.12
N GLY C 32 30.72 12.17 -9.39
CA GLY C 32 30.39 11.28 -10.49
C GLY C 32 28.88 11.14 -10.67
N GLU C 33 28.46 10.37 -11.69
CA GLU C 33 27.07 10.38 -12.11
C GLU C 33 26.63 8.96 -12.45
N GLY C 34 25.63 8.89 -13.33
CA GLY C 34 25.33 7.67 -14.08
C GLY C 34 24.05 6.98 -13.60
N ALA C 35 24.24 5.89 -12.83
CA ALA C 35 23.15 5.11 -12.27
C ALA C 35 22.13 6.05 -11.60
N PHE C 36 20.95 6.16 -12.23
CA PHE C 36 19.94 7.17 -11.89
C PHE C 36 20.69 8.43 -11.51
N GLY C 37 20.85 8.68 -10.21
CA GLY C 37 21.28 9.98 -9.74
C GLY C 37 22.78 10.17 -9.87
N GLN C 38 23.25 11.23 -9.18
CA GLN C 38 24.65 11.62 -9.15
C GLN C 38 25.16 11.58 -7.71
N VAL C 39 26.49 11.70 -7.57
CA VAL C 39 27.16 11.66 -6.29
C VAL C 39 27.97 12.95 -6.14
N VAL C 40 27.90 13.57 -4.97
CA VAL C 40 28.67 14.78 -4.72
C VAL C 40 29.40 14.61 -3.40
N MET C 41 30.53 15.31 -3.28
CA MET C 41 31.29 15.40 -2.05
C MET C 41 30.52 16.32 -1.09
N ALA C 42 30.61 16.04 0.21
CA ALA C 42 29.94 16.87 1.19
C ALA C 42 30.59 16.72 2.56
N GLU C 43 30.25 17.66 3.45
CA GLU C 43 30.67 17.62 4.84
C GLU C 43 29.43 17.49 5.73
N ALA C 44 29.48 16.53 6.64
CA ALA C 44 28.40 16.25 7.58
C ALA C 44 28.95 16.34 9.00
N ILE C 45 28.48 17.33 9.76
CA ILE C 45 28.92 17.55 11.12
C ILE C 45 28.20 16.56 12.05
N GLY C 46 28.98 15.81 12.83
CA GLY C 46 28.44 14.98 13.89
C GLY C 46 28.28 13.50 13.49
N ILE C 47 28.70 13.14 12.28
CA ILE C 47 28.69 11.75 11.83
C ILE C 47 29.62 10.93 12.74
N ASP C 48 30.79 11.48 13.08
CA ASP C 48 31.72 10.85 13.99
C ASP C 48 31.24 11.07 15.42
N LYS C 49 30.73 10.01 16.04
CA LYS C 49 30.08 10.11 17.34
C LYS C 49 31.11 10.51 18.40
N ASP C 50 32.38 10.13 18.18
CA ASP C 50 33.44 10.37 19.14
C ASP C 50 33.99 11.80 19.00
N ARG C 51 33.80 12.41 17.83
CA ARG C 51 34.21 13.78 17.58
C ARG C 51 33.01 14.56 17.05
N ALA C 52 32.16 15.03 17.97
CA ALA C 52 30.79 15.39 17.68
C ALA C 52 30.69 16.71 16.90
N ALA C 53 31.73 17.53 17.01
CA ALA C 53 31.72 18.85 16.38
C ALA C 53 32.44 18.84 15.03
N LYS C 54 33.12 17.72 14.72
CA LYS C 54 33.97 17.66 13.54
C LYS C 54 33.13 17.41 12.30
N PRO C 55 33.29 18.23 11.22
CA PRO C 55 32.72 17.91 9.92
C PRO C 55 33.47 16.74 9.30
N VAL C 56 32.75 15.64 9.05
CA VAL C 56 33.29 14.49 8.36
C VAL C 56 32.97 14.63 6.87
N THR C 57 33.96 14.32 6.02
CA THR C 57 33.73 14.30 4.58
C THR C 57 32.96 13.03 4.23
N VAL C 58 31.88 13.19 3.47
CA VAL C 58 31.04 12.07 3.06
C VAL C 58 30.76 12.20 1.58
N ALA C 59 30.11 11.16 1.02
CA ALA C 59 29.57 11.22 -0.32
C ALA C 59 28.04 11.20 -0.25
N VAL C 60 27.40 12.05 -1.05
CA VAL C 60 25.96 12.19 -1.04
C VAL C 60 25.41 11.76 -2.39
N LYS C 61 24.48 10.78 -2.37
CA LYS C 61 23.77 10.39 -3.57
C LYS C 61 22.47 11.19 -3.63
N MET C 62 22.17 11.76 -4.78
CA MET C 62 20.97 12.57 -4.96
C MET C 62 20.46 12.41 -6.37
N LEU C 63 19.25 12.91 -6.63
CA LEU C 63 18.66 12.83 -7.95
C LEU C 63 19.33 13.85 -8.88
N LYS C 64 19.36 13.53 -10.16
CA LYS C 64 19.80 14.46 -11.19
C LYS C 64 18.72 15.54 -11.32
N ASP C 65 19.02 16.61 -12.06
CA ASP C 65 18.08 17.70 -12.21
C ASP C 65 16.85 17.26 -12.99
N ASP C 66 17.04 16.31 -13.93
CA ASP C 66 15.98 15.91 -14.86
C ASP C 66 15.38 14.56 -14.47
N ALA C 67 15.46 14.19 -13.18
CA ALA C 67 15.07 12.87 -12.70
C ALA C 67 13.56 12.76 -12.52
N THR C 68 13.01 11.59 -12.90
CA THR C 68 11.60 11.29 -12.76
C THR C 68 11.38 10.68 -11.37
N ASP C 69 10.14 10.23 -11.11
CA ASP C 69 9.81 9.55 -9.87
C ASP C 69 10.32 8.10 -9.89
N LYS C 70 10.60 7.58 -11.09
CA LYS C 70 11.21 6.26 -11.21
C LYS C 70 12.61 6.32 -10.61
N ASP C 71 13.31 7.43 -10.83
CA ASP C 71 14.66 7.61 -10.34
C ASP C 71 14.64 7.83 -8.84
N LEU C 72 13.55 8.41 -8.32
CA LEU C 72 13.40 8.60 -6.88
C LEU C 72 13.27 7.24 -6.21
N SER C 73 12.36 6.41 -6.72
CA SER C 73 12.09 5.11 -6.11
C SER C 73 13.33 4.23 -6.19
N ASP C 74 14.20 4.45 -7.19
CA ASP C 74 15.43 3.69 -7.33
C ASP C 74 16.41 4.07 -6.22
N LEU C 75 16.61 5.37 -6.04
CA LEU C 75 17.51 5.88 -5.00
C LEU C 75 17.05 5.40 -3.63
N VAL C 76 15.73 5.41 -3.41
CA VAL C 76 15.14 4.96 -2.16
C VAL C 76 15.39 3.46 -1.98
N SER C 77 15.05 2.66 -3.00
CA SER C 77 15.27 1.22 -2.96
C SER C 77 16.70 0.90 -2.57
N GLU C 78 17.65 1.64 -3.15
CA GLU C 78 19.07 1.42 -2.92
C GLU C 78 19.35 1.62 -1.43
N MET C 79 18.96 2.78 -0.91
CA MET C 79 19.11 3.11 0.50
C MET C 79 18.54 1.97 1.35
N GLU C 80 17.33 1.52 1.02
CA GLU C 80 16.64 0.53 1.82
C GLU C 80 17.36 -0.81 1.75
N MET C 81 17.94 -1.15 0.58
CA MET C 81 18.75 -2.34 0.47
C MET C 81 19.97 -2.23 1.37
N MET C 82 20.63 -1.06 1.37
CA MET C 82 21.83 -0.87 2.16
C MET C 82 21.51 -1.09 3.63
N LYS C 83 20.30 -0.68 4.05
CA LYS C 83 19.86 -0.85 5.43
C LYS C 83 19.66 -2.32 5.75
N MET C 84 19.08 -3.08 4.81
CA MET C 84 18.83 -4.50 4.98
C MET C 84 20.14 -5.28 5.04
N ILE C 85 21.11 -4.86 4.22
CA ILE C 85 22.37 -5.58 4.08
C ILE C 85 23.24 -5.35 5.31
N GLY C 86 23.24 -4.11 5.83
CA GLY C 86 23.94 -3.81 7.06
C GLY C 86 25.41 -3.46 6.80
N LYS C 87 26.15 -3.22 7.89
CA LYS C 87 27.48 -2.62 7.82
C LYS C 87 28.55 -3.70 7.69
N HIS C 88 29.61 -3.36 6.96
CA HIS C 88 30.83 -4.16 6.89
C HIS C 88 32.00 -3.27 6.47
N LYS C 89 33.21 -3.61 6.94
CA LYS C 89 34.38 -2.77 6.73
C LYS C 89 34.64 -2.54 5.25
N ASN C 90 34.46 -3.58 4.43
CA ASN C 90 34.90 -3.55 3.04
C ASN C 90 33.75 -3.31 2.07
N ILE C 91 32.75 -2.53 2.49
CA ILE C 91 31.73 -2.01 1.58
C ILE C 91 31.55 -0.52 1.85
N ILE C 92 30.97 0.19 0.88
CA ILE C 92 30.59 1.59 1.05
C ILE C 92 29.27 1.62 1.84
N ASN C 93 29.36 2.03 3.11
CA ASN C 93 28.25 1.94 4.05
C ASN C 93 27.38 3.20 4.00
N LEU C 94 26.10 3.00 4.31
CA LEU C 94 25.15 4.08 4.51
C LEU C 94 25.50 4.79 5.82
N LEU C 95 25.58 6.12 5.79
CA LEU C 95 25.93 6.89 6.97
C LEU C 95 24.72 7.67 7.49
N GLY C 96 23.73 7.90 6.63
CA GLY C 96 22.56 8.68 7.00
C GLY C 96 21.78 9.13 5.78
N ALA C 97 20.75 9.95 6.03
CA ALA C 97 19.91 10.47 4.96
C ALA C 97 19.21 11.75 5.41
N CYS C 98 18.92 12.62 4.43
CA CYS C 98 18.00 13.72 4.60
C CYS C 98 16.76 13.45 3.72
N THR C 99 15.64 13.08 4.36
CA THR C 99 14.44 12.66 3.65
C THR C 99 13.28 13.63 3.86
N GLN C 100 13.42 14.56 4.81
CA GLN C 100 12.31 15.42 5.19
C GLN C 100 12.65 16.88 4.87
N GLY C 101 11.67 17.59 4.31
CA GLY C 101 11.75 19.03 4.11
C GLY C 101 12.85 19.40 3.12
N GLY C 102 12.90 18.68 2.00
CA GLY C 102 13.84 19.01 0.93
C GLY C 102 14.27 17.77 0.14
N PRO C 103 15.21 17.94 -0.82
CA PRO C 103 15.66 16.84 -1.66
C PRO C 103 16.16 15.64 -0.87
N LEU C 104 15.90 14.44 -1.41
CA LEU C 104 16.48 13.23 -0.87
C LEU C 104 17.99 13.31 -1.00
N TYR C 105 18.70 13.14 0.13
CA TYR C 105 20.14 13.03 0.17
C TYR C 105 20.50 11.75 0.91
N VAL C 106 21.25 10.86 0.24
CA VAL C 106 21.69 9.62 0.85
C VAL C 106 23.20 9.71 1.08
N LEU C 107 23.60 9.70 2.36
CA LEU C 107 25.00 9.82 2.73
C LEU C 107 25.61 8.43 2.81
N VAL C 108 26.75 8.25 2.14
CA VAL C 108 27.55 7.03 2.23
C VAL C 108 29.00 7.42 2.42
N GLU C 109 29.82 6.42 2.77
CA GLU C 109 31.22 6.61 3.14
C GLU C 109 31.99 7.19 1.96
N TYR C 110 32.97 8.05 2.28
CA TYR C 110 33.78 8.73 1.30
C TYR C 110 35.10 7.98 1.13
N ALA C 111 35.53 7.79 -0.13
CA ALA C 111 36.76 7.07 -0.42
C ALA C 111 37.73 8.02 -1.13
N ALA C 112 38.70 8.53 -0.37
CA ALA C 112 39.51 9.68 -0.77
C ALA C 112 40.37 9.38 -2.00
N LYS C 113 40.74 8.11 -2.21
CA LYS C 113 41.71 7.76 -3.22
C LYS C 113 41.05 7.27 -4.51
N GLY C 114 39.73 7.36 -4.59
CA GLY C 114 39.00 6.99 -5.79
C GLY C 114 38.86 5.46 -5.91
N ASN C 115 38.64 4.98 -7.14
CA ASN C 115 38.37 3.56 -7.35
C ASN C 115 39.70 2.82 -7.55
N LEU C 116 39.63 1.49 -7.39
CA LEU C 116 40.81 0.64 -7.35
C LEU C 116 41.57 0.71 -8.69
N ARG C 117 40.85 0.79 -9.81
CA ARG C 117 41.46 0.89 -11.12
C ARG C 117 42.41 2.08 -11.13
N GLU C 118 41.87 3.28 -10.87
CA GLU C 118 42.65 4.51 -10.94
C GLU C 118 43.68 4.57 -9.81
N PHE C 119 43.40 3.93 -8.69
CA PHE C 119 44.34 3.85 -7.59
C PHE C 119 45.60 3.10 -8.03
N LEU C 120 45.41 1.97 -8.72
CA LEU C 120 46.53 1.14 -9.16
C LEU C 120 47.26 1.81 -10.32
N ARG C 121 46.50 2.29 -11.32
CA ARG C 121 47.08 2.89 -12.51
C ARG C 121 48.01 4.03 -12.11
N ALA C 122 47.56 4.84 -11.14
CA ALA C 122 48.32 6.00 -10.68
C ALA C 122 49.61 5.59 -9.96
N ARG C 123 49.63 4.40 -9.37
CA ARG C 123 50.78 3.97 -8.58
C ARG C 123 51.56 2.86 -9.31
N ARG C 124 51.53 2.88 -10.64
CA ARG C 124 52.32 1.93 -11.42
C ARG C 124 53.81 2.27 -11.28
N PRO C 125 54.73 1.31 -11.56
CA PRO C 125 56.16 1.60 -11.56
C PRO C 125 56.59 2.52 -12.71
N PRO C 126 57.52 3.48 -12.48
CA PRO C 126 58.24 4.14 -13.57
C PRO C 126 59.27 3.20 -14.22
N GLN C 141 53.94 3.47 -4.24
CA GLN C 141 54.42 2.25 -4.96
C GLN C 141 53.84 1.00 -4.30
N LEU C 142 53.23 0.15 -5.13
CA LEU C 142 52.59 -1.06 -4.65
C LEU C 142 53.64 -2.16 -4.55
N THR C 143 53.70 -2.86 -3.41
CA THR C 143 54.38 -4.14 -3.34
C THR C 143 53.41 -5.24 -3.74
N PHE C 144 53.94 -6.45 -3.91
CA PHE C 144 53.14 -7.62 -4.25
C PHE C 144 52.12 -7.91 -3.16
N LYS C 145 52.56 -7.85 -1.90
CA LYS C 145 51.69 -8.14 -0.75
C LYS C 145 50.51 -7.18 -0.76
N ASP C 146 50.76 -5.90 -1.12
CA ASP C 146 49.72 -4.90 -1.18
C ASP C 146 48.62 -5.34 -2.15
N LEU C 147 49.03 -5.86 -3.31
CA LEU C 147 48.09 -6.32 -4.33
C LEU C 147 47.25 -7.47 -3.78
N VAL C 148 47.88 -8.40 -3.05
CA VAL C 148 47.18 -9.53 -2.48
C VAL C 148 46.22 -9.01 -1.42
N SER C 149 46.69 -8.07 -0.59
CA SER C 149 45.87 -7.43 0.42
C SER C 149 44.61 -6.84 -0.20
N CYS C 150 44.76 -6.12 -1.31
CA CYS C 150 43.61 -5.56 -2.01
C CYS C 150 42.60 -6.64 -2.37
N ALA C 151 43.10 -7.74 -2.96
CA ALA C 151 42.23 -8.82 -3.42
C ALA C 151 41.51 -9.45 -2.23
N TYR C 152 42.26 -9.69 -1.16
CA TYR C 152 41.73 -10.27 0.07
C TYR C 152 40.59 -9.40 0.59
N GLN C 153 40.81 -8.08 0.63
CA GLN C 153 39.84 -7.15 1.18
C GLN C 153 38.56 -7.14 0.35
N VAL C 154 38.70 -7.16 -0.97
CA VAL C 154 37.55 -7.19 -1.86
C VAL C 154 36.79 -8.50 -1.67
N ALA C 155 37.50 -9.59 -1.42
CA ALA C 155 36.87 -10.89 -1.23
C ALA C 155 36.05 -10.91 0.06
N ARG C 156 36.59 -10.29 1.12
CA ARG C 156 35.90 -10.20 2.39
C ARG C 156 34.58 -9.45 2.21
N GLY C 157 34.64 -8.32 1.47
CA GLY C 157 33.46 -7.53 1.18
C GLY C 157 32.38 -8.37 0.49
N MET C 158 32.80 -9.16 -0.52
CA MET C 158 31.88 -9.97 -1.31
C MET C 158 31.37 -11.16 -0.50
N GLU C 159 32.23 -11.73 0.35
CA GLU C 159 31.80 -12.78 1.26
C GLU C 159 30.61 -12.27 2.07
N TYR C 160 30.77 -11.05 2.63
CA TYR C 160 29.74 -10.45 3.48
C TYR C 160 28.47 -10.24 2.66
N LEU C 161 28.59 -9.60 1.50
CA LEU C 161 27.45 -9.29 0.66
C LEU C 161 26.70 -10.57 0.27
N ALA C 162 27.46 -11.60 -0.14
CA ALA C 162 26.88 -12.89 -0.51
C ALA C 162 26.13 -13.50 0.68
N SER C 163 26.67 -13.31 1.89
CA SER C 163 26.06 -13.83 3.10
C SER C 163 24.75 -13.07 3.41
N GLN C 164 24.58 -11.86 2.85
CA GLN C 164 23.35 -11.09 3.04
C GLN C 164 22.46 -11.15 1.80
N LYS C 165 22.62 -12.21 0.99
CA LYS C 165 21.74 -12.48 -0.13
C LYS C 165 21.84 -11.35 -1.17
N CYS C 166 23.04 -10.76 -1.30
CA CYS C 166 23.27 -9.67 -2.24
C CYS C 166 24.14 -10.16 -3.40
N ILE C 167 23.65 -9.89 -4.62
CA ILE C 167 24.41 -10.13 -5.85
C ILE C 167 24.71 -8.77 -6.47
N HIS C 168 25.99 -8.51 -6.75
CA HIS C 168 26.43 -7.20 -7.18
C HIS C 168 26.04 -6.94 -8.64
N ARG C 169 26.38 -7.90 -9.52
CA ARG C 169 26.00 -7.89 -10.93
C ARG C 169 26.98 -7.08 -11.79
N ASP C 170 27.83 -6.25 -11.16
CA ASP C 170 28.81 -5.46 -11.89
C ASP C 170 30.07 -5.27 -11.05
N LEU C 171 30.56 -6.35 -10.45
CA LEU C 171 31.80 -6.29 -9.68
C LEU C 171 32.97 -6.03 -10.64
N ALA C 172 33.75 -4.99 -10.33
CA ALA C 172 34.92 -4.61 -11.12
C ALA C 172 35.76 -3.63 -10.29
N ALA C 173 37.01 -3.41 -10.72
CA ALA C 173 37.91 -2.52 -10.00
C ALA C 173 37.36 -1.10 -9.97
N ARG C 174 36.61 -0.71 -11.01
CA ARG C 174 36.01 0.61 -11.09
C ARG C 174 34.93 0.78 -10.02
N ASN C 175 34.39 -0.34 -9.49
CA ASN C 175 33.33 -0.31 -8.49
C ASN C 175 33.86 -0.75 -7.12
N VAL C 176 35.19 -0.76 -6.96
CA VAL C 176 35.80 -0.86 -5.65
C VAL C 176 36.47 0.46 -5.36
N LEU C 177 36.22 1.01 -4.16
CA LEU C 177 36.76 2.31 -3.78
C LEU C 177 37.83 2.14 -2.70
N VAL C 178 38.76 3.09 -2.67
CA VAL C 178 39.89 3.07 -1.76
C VAL C 178 39.83 4.31 -0.86
N THR C 179 39.87 4.09 0.46
CA THR C 179 39.76 5.16 1.44
C THR C 179 41.13 5.76 1.70
N GLU C 180 41.15 6.83 2.53
CA GLU C 180 42.36 7.50 2.97
C GLU C 180 43.31 6.49 3.62
N ASP C 181 42.74 5.48 4.30
CA ASP C 181 43.51 4.48 5.03
C ASP C 181 43.71 3.21 4.20
N ASN C 182 43.54 3.32 2.87
CA ASN C 182 43.81 2.23 1.95
C ASN C 182 42.89 1.04 2.20
N VAL C 183 41.64 1.30 2.61
CA VAL C 183 40.67 0.25 2.80
C VAL C 183 39.87 0.09 1.51
N MET C 184 39.78 -1.17 1.04
CA MET C 184 38.99 -1.50 -0.12
C MET C 184 37.51 -1.52 0.29
N LYS C 185 36.66 -0.85 -0.49
CA LYS C 185 35.23 -0.78 -0.19
C LYS C 185 34.42 -0.96 -1.47
N ILE C 186 33.62 -2.03 -1.51
CA ILE C 186 32.78 -2.31 -2.66
C ILE C 186 31.67 -1.26 -2.70
N ALA C 187 31.42 -0.74 -3.92
CA ALA C 187 30.44 0.32 -4.11
C ALA C 187 29.25 -0.20 -4.92
N ASP C 188 28.11 0.50 -4.77
CA ASP C 188 26.94 0.32 -5.60
C ASP C 188 26.55 -1.16 -5.64
N PHE C 189 26.41 -1.76 -4.45
CA PHE C 189 25.92 -3.12 -4.29
C PHE C 189 24.40 -3.09 -4.08
N GLY C 190 23.87 -1.93 -3.71
CA GLY C 190 22.54 -1.83 -3.14
C GLY C 190 21.43 -1.93 -4.18
N LEU C 191 21.64 -1.33 -5.35
CA LEU C 191 20.70 -1.53 -6.44
C LEU C 191 21.50 -1.73 -7.71
N ALA C 192 21.35 -2.92 -8.31
CA ALA C 192 22.03 -3.27 -9.54
C ALA C 192 21.28 -2.69 -10.74
N ARG C 193 22.01 -2.53 -11.86
CA ARG C 193 21.52 -1.81 -13.01
C ARG C 193 20.62 -2.72 -13.84
N ASP C 194 19.99 -2.12 -14.86
CA ASP C 194 19.26 -2.83 -15.90
C ASP C 194 20.14 -3.92 -16.51
N VAL C 195 19.49 -4.96 -17.02
CA VAL C 195 20.16 -6.10 -17.63
C VAL C 195 19.70 -6.21 -19.08
N HIS C 196 20.66 -6.46 -19.98
CA HIS C 196 20.39 -6.55 -21.41
C HIS C 196 20.92 -7.87 -21.95
N ASN C 197 20.61 -8.13 -23.23
CA ASN C 197 20.96 -9.38 -23.89
C ASN C 197 22.20 -9.18 -24.77
N LEU C 198 22.61 -10.25 -25.47
CA LEU C 198 23.77 -10.24 -26.34
C LEU C 198 23.60 -9.21 -27.45
N ASP C 199 22.40 -9.19 -28.04
CA ASP C 199 22.09 -8.34 -29.19
C ASP C 199 22.42 -6.89 -28.85
N TYR C 200 22.16 -6.49 -27.60
CA TYR C 200 22.31 -5.11 -27.15
C TYR C 200 23.74 -4.60 -27.33
N TYR C 201 24.73 -5.41 -26.91
CA TYR C 201 26.10 -4.94 -26.78
C TYR C 201 26.78 -4.86 -28.15
N LYS C 202 26.22 -5.54 -29.16
CA LYS C 202 26.70 -5.42 -30.53
C LYS C 202 26.44 -3.99 -31.06
N LEU C 209 31.25 -0.59 -21.45
CA LEU C 209 30.57 -1.89 -21.68
C LEU C 209 31.12 -2.90 -20.68
N PRO C 210 30.40 -3.15 -19.55
CA PRO C 210 30.84 -4.10 -18.53
C PRO C 210 30.75 -5.58 -18.95
N VAL C 211 30.73 -5.84 -20.26
CA VAL C 211 30.58 -7.18 -20.79
C VAL C 211 31.80 -8.04 -20.45
N LYS C 212 32.96 -7.39 -20.24
CA LYS C 212 34.21 -8.09 -20.03
C LYS C 212 34.31 -8.64 -18.61
N TRP C 213 33.36 -8.26 -17.73
CA TRP C 213 33.32 -8.78 -16.37
C TRP C 213 32.20 -9.82 -16.22
N MET C 214 31.34 -9.95 -17.23
CA MET C 214 30.16 -10.79 -17.10
C MET C 214 30.56 -12.25 -17.29
N ALA C 215 29.99 -13.10 -16.43
CA ALA C 215 30.09 -14.54 -16.59
C ALA C 215 29.32 -14.93 -17.85
N PRO C 216 29.70 -16.04 -18.53
CA PRO C 216 28.96 -16.50 -19.71
C PRO C 216 27.47 -16.63 -19.46
N GLU C 217 27.10 -17.28 -18.35
CA GLU C 217 25.71 -17.55 -18.05
C GLU C 217 24.94 -16.25 -17.87
N ALA C 218 25.60 -15.22 -17.33
CA ALA C 218 24.99 -13.91 -17.17
C ALA C 218 24.90 -13.19 -18.51
N LEU C 219 25.97 -13.31 -19.30
CA LEU C 219 26.07 -12.65 -20.59
C LEU C 219 25.08 -13.27 -21.57
N PHE C 220 25.12 -14.60 -21.71
CA PHE C 220 24.33 -15.28 -22.74
C PHE C 220 22.90 -15.55 -22.25
N ASP C 221 22.75 -15.93 -20.97
CA ASP C 221 21.49 -16.48 -20.49
C ASP C 221 20.84 -15.57 -19.43
N ARG C 222 21.41 -14.38 -19.17
CA ARG C 222 20.85 -13.41 -18.26
C ARG C 222 20.81 -13.92 -16.81
N VAL C 223 21.55 -14.98 -16.51
CA VAL C 223 21.50 -15.63 -15.20
C VAL C 223 22.52 -15.00 -14.27
N TYR C 224 22.06 -14.55 -13.10
CA TYR C 224 22.94 -13.94 -12.11
C TYR C 224 22.86 -14.71 -10.79
N THR C 225 24.03 -15.11 -10.28
CA THR C 225 24.17 -15.76 -8.98
C THR C 225 25.39 -15.16 -8.28
N HIS C 226 25.67 -15.63 -7.06
CA HIS C 226 26.91 -15.30 -6.39
C HIS C 226 28.08 -15.82 -7.22
N GLN C 227 27.86 -16.95 -7.92
CA GLN C 227 28.92 -17.61 -8.67
C GLN C 227 29.27 -16.80 -9.92
N SER C 228 28.31 -16.02 -10.43
CA SER C 228 28.59 -15.11 -11.53
C SER C 228 29.42 -13.92 -11.06
N ASP C 229 29.24 -13.53 -9.79
CA ASP C 229 30.06 -12.49 -9.19
C ASP C 229 31.50 -12.97 -9.04
N VAL C 230 31.67 -14.28 -8.78
CA VAL C 230 33.00 -14.85 -8.59
C VAL C 230 33.78 -14.74 -9.90
N TRP C 231 33.11 -15.00 -11.04
CA TRP C 231 33.73 -14.80 -12.34
C TRP C 231 34.24 -13.37 -12.44
N SER C 232 33.35 -12.42 -12.16
CA SER C 232 33.68 -11.01 -12.17
C SER C 232 34.87 -10.76 -11.24
N PHE C 233 34.89 -11.41 -10.08
CA PHE C 233 36.00 -11.26 -9.15
C PHE C 233 37.30 -11.74 -9.79
N GLY C 234 37.23 -12.83 -10.56
CA GLY C 234 38.38 -13.34 -11.26
C GLY C 234 38.99 -12.29 -12.19
N VAL C 235 38.11 -11.59 -12.92
CA VAL C 235 38.52 -10.53 -13.82
C VAL C 235 39.11 -9.39 -13.00
N LEU C 236 38.54 -9.18 -11.80
CA LEU C 236 39.01 -8.12 -10.91
C LEU C 236 40.44 -8.43 -10.46
N LEU C 237 40.72 -9.70 -10.11
CA LEU C 237 42.08 -10.12 -9.78
C LEU C 237 43.04 -9.74 -10.90
N TRP C 238 42.63 -10.01 -12.14
CA TRP C 238 43.45 -9.72 -13.30
C TRP C 238 43.74 -8.22 -13.37
N GLU C 239 42.71 -7.40 -13.13
CA GLU C 239 42.87 -5.96 -13.04
C GLU C 239 43.91 -5.62 -11.98
N ILE C 240 43.81 -6.24 -10.80
CA ILE C 240 44.69 -5.92 -9.69
C ILE C 240 46.14 -6.18 -10.11
N PHE C 241 46.38 -7.34 -10.76
CA PHE C 241 47.74 -7.80 -10.97
C PHE C 241 48.33 -7.23 -12.26
N THR C 242 47.51 -6.55 -13.07
CA THR C 242 48.00 -5.74 -14.18
C THR C 242 48.08 -4.28 -13.76
N LEU C 243 47.86 -4.01 -12.47
CA LEU C 243 47.89 -2.67 -11.91
C LEU C 243 46.86 -1.79 -12.63
N GLY C 244 45.63 -2.29 -12.71
CA GLY C 244 44.52 -1.56 -13.31
C GLY C 244 44.55 -1.64 -14.83
N GLY C 245 44.93 -2.81 -15.36
CA GLY C 245 44.88 -3.06 -16.79
C GLY C 245 43.44 -3.37 -17.22
N SER C 246 43.12 -2.99 -18.46
CA SER C 246 41.83 -3.31 -19.04
C SER C 246 41.86 -4.75 -19.53
N PRO C 247 40.81 -5.56 -19.25
CA PRO C 247 40.82 -6.97 -19.61
C PRO C 247 40.57 -7.22 -21.09
N TYR C 248 40.97 -8.41 -21.56
CA TYR C 248 40.88 -8.78 -22.97
C TYR C 248 41.32 -7.60 -23.83
N PRO C 249 42.57 -7.10 -23.64
CA PRO C 249 43.03 -5.91 -24.36
C PRO C 249 43.09 -6.18 -25.87
N GLY C 250 42.47 -5.26 -26.63
CA GLY C 250 42.53 -5.29 -28.09
C GLY C 250 41.57 -6.31 -28.70
N ILE C 251 40.67 -6.86 -27.87
CA ILE C 251 39.70 -7.86 -28.32
C ILE C 251 38.32 -7.20 -28.33
N PRO C 252 37.66 -7.09 -29.50
CA PRO C 252 36.30 -6.52 -29.58
C PRO C 252 35.28 -7.53 -29.07
N VAL C 253 34.12 -7.03 -28.63
CA VAL C 253 33.18 -7.82 -27.86
C VAL C 253 32.71 -9.04 -28.68
N GLU C 254 32.54 -8.86 -29.99
CA GLU C 254 32.07 -9.92 -30.86
C GLU C 254 33.03 -11.11 -30.84
N GLU C 255 34.34 -10.81 -30.85
CA GLU C 255 35.37 -11.84 -30.69
C GLU C 255 35.26 -12.49 -29.32
N LEU C 256 35.01 -11.65 -28.29
CA LEU C 256 34.99 -12.10 -26.90
C LEU C 256 33.95 -13.20 -26.73
N PHE C 257 32.73 -12.96 -27.25
CA PHE C 257 31.66 -13.94 -27.23
C PHE C 257 32.18 -15.28 -27.73
N LYS C 258 32.85 -15.25 -28.90
CA LYS C 258 33.28 -16.46 -29.55
C LYS C 258 34.35 -17.17 -28.71
N LEU C 259 35.31 -16.40 -28.17
CA LEU C 259 36.49 -17.01 -27.56
C LEU C 259 36.17 -17.50 -26.15
N LEU C 260 35.13 -16.94 -25.52
CA LEU C 260 34.67 -17.43 -24.23
C LEU C 260 34.02 -18.79 -24.42
N LYS C 261 33.19 -18.90 -25.47
CA LYS C 261 32.54 -20.16 -25.81
C LYS C 261 33.58 -21.22 -26.18
N GLU C 262 34.66 -20.80 -26.86
CA GLU C 262 35.73 -21.70 -27.25
C GLU C 262 36.58 -22.11 -26.04
N GLY C 263 36.35 -21.44 -24.90
CA GLY C 263 36.96 -21.82 -23.64
C GLY C 263 38.29 -21.12 -23.38
N HIS C 264 38.58 -20.06 -24.13
CA HIS C 264 39.82 -19.30 -23.95
C HIS C 264 39.68 -18.33 -22.78
N ARG C 265 40.82 -18.04 -22.14
CA ARG C 265 40.89 -17.16 -20.98
C ARG C 265 42.12 -16.27 -21.10
N MET C 266 42.16 -15.21 -20.29
CA MET C 266 43.30 -14.31 -20.25
C MET C 266 44.52 -15.04 -19.70
N ASP C 267 45.69 -14.63 -20.15
CA ASP C 267 46.96 -15.24 -19.75
C ASP C 267 47.38 -14.61 -18.41
N LYS C 268 48.31 -15.27 -17.71
CA LYS C 268 48.82 -14.79 -16.44
C LYS C 268 49.42 -13.39 -16.62
N PRO C 269 49.07 -12.40 -15.76
CA PRO C 269 49.80 -11.13 -15.72
C PRO C 269 51.26 -11.30 -15.29
N ALA C 270 52.08 -10.30 -15.62
CA ALA C 270 53.49 -10.31 -15.28
C ALA C 270 53.69 -10.44 -13.77
N ASN C 271 52.92 -9.67 -12.98
CA ASN C 271 53.13 -9.57 -11.54
C ASN C 271 52.40 -10.68 -10.77
N CYS C 272 52.00 -11.76 -11.46
CA CYS C 272 51.15 -12.77 -10.88
C CYS C 272 51.95 -14.06 -10.70
N THR C 273 51.76 -14.72 -9.54
CA THR C 273 52.38 -16.01 -9.28
C THR C 273 51.48 -17.11 -9.85
N HIS C 274 51.99 -18.34 -9.87
CA HIS C 274 51.25 -19.47 -10.39
C HIS C 274 50.01 -19.70 -9.54
N ASP C 275 50.17 -19.65 -8.21
CA ASP C 275 49.09 -19.94 -7.28
C ASP C 275 47.93 -18.96 -7.50
N LEU C 276 48.26 -17.67 -7.63
CA LEU C 276 47.25 -16.65 -7.82
C LEU C 276 46.59 -16.81 -9.18
N TYR C 277 47.35 -17.25 -10.19
CA TYR C 277 46.79 -17.45 -11.51
C TYR C 277 45.78 -18.59 -11.48
N MET C 278 46.07 -19.63 -10.69
CA MET C 278 45.18 -20.77 -10.56
C MET C 278 43.85 -20.33 -9.92
N ILE C 279 43.90 -19.34 -9.03
CA ILE C 279 42.71 -18.81 -8.40
C ILE C 279 41.87 -18.06 -9.43
N MET C 280 42.51 -17.27 -10.32
CA MET C 280 41.79 -16.62 -11.40
C MET C 280 41.09 -17.67 -12.26
N ARG C 281 41.82 -18.72 -12.62
CA ARG C 281 41.33 -19.73 -13.55
C ARG C 281 40.17 -20.50 -12.94
N GLU C 282 40.22 -20.73 -11.62
CA GLU C 282 39.14 -21.36 -10.89
C GLU C 282 37.90 -20.47 -10.91
N CYS C 283 38.09 -19.15 -10.88
CA CYS C 283 36.99 -18.21 -10.97
C CYS C 283 36.36 -18.25 -12.35
N TRP C 284 37.12 -18.69 -13.36
CA TRP C 284 36.64 -18.68 -14.73
C TRP C 284 36.31 -20.08 -15.26
N HIS C 285 36.02 -21.03 -14.36
CA HIS C 285 35.42 -22.29 -14.80
C HIS C 285 34.08 -21.97 -15.45
N ALA C 286 33.79 -22.62 -16.59
CA ALA C 286 32.54 -22.40 -17.30
C ALA C 286 31.35 -22.81 -16.42
N ALA C 287 31.52 -23.92 -15.68
CA ALA C 287 30.52 -24.44 -14.78
C ALA C 287 30.55 -23.67 -13.45
N PRO C 288 29.50 -22.87 -13.13
CA PRO C 288 29.52 -22.00 -11.95
C PRO C 288 29.85 -22.67 -10.61
N SER C 289 29.38 -23.91 -10.40
CA SER C 289 29.55 -24.58 -9.13
C SER C 289 31.00 -25.01 -8.92
N GLN C 290 31.78 -25.07 -10.00
CA GLN C 290 33.19 -25.40 -9.91
C GLN C 290 34.02 -24.16 -9.57
N ARG C 291 33.45 -22.97 -9.77
CA ARG C 291 34.09 -21.76 -9.27
C ARG C 291 34.08 -21.84 -7.75
N PRO C 292 35.08 -21.25 -7.05
CA PRO C 292 35.07 -21.21 -5.59
C PRO C 292 34.01 -20.22 -5.10
N THR C 293 33.58 -20.39 -3.85
CA THR C 293 32.74 -19.40 -3.20
C THR C 293 33.65 -18.27 -2.72
N PHE C 294 33.06 -17.12 -2.39
CA PHE C 294 33.82 -16.01 -1.83
C PHE C 294 34.45 -16.43 -0.50
N LYS C 295 33.73 -17.24 0.29
CA LYS C 295 34.28 -17.81 1.51
C LYS C 295 35.62 -18.48 1.21
N GLN C 296 35.62 -19.33 0.18
CA GLN C 296 36.82 -20.08 -0.20
C GLN C 296 37.89 -19.12 -0.69
N LEU C 297 37.49 -18.08 -1.44
CA LEU C 297 38.43 -17.10 -1.96
C LEU C 297 39.12 -16.38 -0.79
N VAL C 298 38.34 -15.97 0.20
CA VAL C 298 38.88 -15.29 1.37
C VAL C 298 39.97 -16.17 2.00
N GLU C 299 39.65 -17.46 2.19
CA GLU C 299 40.60 -18.42 2.76
C GLU C 299 41.83 -18.52 1.87
N ASP C 300 41.60 -18.63 0.55
CA ASP C 300 42.68 -18.80 -0.41
C ASP C 300 43.62 -17.60 -0.35
N LEU C 301 43.07 -16.39 -0.41
CA LEU C 301 43.86 -15.17 -0.39
C LEU C 301 44.59 -15.04 0.96
N ASP C 302 43.94 -15.49 2.04
CA ASP C 302 44.55 -15.43 3.36
C ASP C 302 45.85 -16.25 3.38
N ARG C 303 45.83 -17.44 2.76
CA ARG C 303 47.00 -18.30 2.71
C ARG C 303 48.11 -17.63 1.90
N VAL C 304 47.76 -17.01 0.78
CA VAL C 304 48.72 -16.34 -0.08
C VAL C 304 49.31 -15.15 0.68
N LEU C 305 48.48 -14.49 1.51
CA LEU C 305 48.90 -13.32 2.28
C LEU C 305 49.86 -13.73 3.40
N THR C 306 49.64 -14.92 3.97
CA THR C 306 50.35 -15.36 5.18
C THR C 306 51.75 -15.85 4.85
N VAL C 307 51.91 -16.55 3.72
CA VAL C 307 53.20 -17.10 3.35
C VAL C 307 54.10 -16.00 2.80
N THR C 308 53.50 -14.99 2.14
CA THR C 308 54.21 -13.79 1.72
C THR C 308 54.63 -13.01 2.95
#